data_4AVC
#
_entry.id   4AVC
#
_cell.length_a   68.661
_cell.length_b   50.151
_cell.length_c   110.102
_cell.angle_alpha   90.00
_cell.angle_beta   106.63
_cell.angle_gamma   90.00
#
_symmetry.space_group_name_H-M   'P 1 21 1'
#
loop_
_entity.id
_entity.type
_entity.pdbx_description
1 polymer 'LYSINE ACETYLTRANSFERASE'
2 non-polymer "ADENOSINE-3',5'-CYCLIC-MONOPHOSPHATE"
3 non-polymer 'ACETYL COENZYME *A'
4 non-polymer DI(HYDROXYETHYL)ETHER
5 non-polymer 1,2-ETHANEDIOL
6 water water
#
_entity_poly.entity_id   1
_entity_poly.type   'polypeptide(L)'
_entity_poly.pdbx_seq_one_letter_code
;(MSE)DGIAELTGARVEDLAG(MSE)DVFQGCPAEGLVSLAASVQPLRAAAGQVLLRQGEPAVSFLLISSGSAEVSHVGD
DGVAIIARALPG(MSE)IVGEIALLRDSPRSATVTTIEPLTGWTGGRGAFAT(MSE)VHIPGVGERLLRTARQRLAAFVS
PIPVRLADGTQL(MSE)LRPVLPGDRERTVHGHIQFSGETLYRRF(MSE)SARVPSPAL(MSE)HYLSEVDYVDHFVWVV
TDGSDPVADARFVRDETDPTVAEIAFTVADAYQGRGIGSFLIGALSVAARVDGVERFAAR(MSE)LSDNVP(MSE)RTI
(MSE)DRYGAVWQREDVGVITT(MSE)IDVPGPGELSLGRE(MSE)VDQINRVARQVIEAVG
;
_entity_poly.pdbx_strand_id   A,B
#
loop_
_chem_comp.id
_chem_comp.type
_chem_comp.name
_chem_comp.formula
ACO non-polymer 'ACETYL COENZYME *A' 'C23 H38 N7 O17 P3 S'
CMP non-polymer ADENOSINE-3',5'-CYCLIC-MONOPHOSPHATE 'C10 H12 N5 O6 P'
EDO non-polymer 1,2-ETHANEDIOL 'C2 H6 O2'
PEG non-polymer DI(HYDROXYETHYL)ETHER 'C4 H10 O3'
#
# COMPACT_ATOMS: atom_id res chain seq x y z
N THR A 8 19.08 40.50 -9.99
CA THR A 8 19.87 39.28 -9.81
C THR A 8 19.57 38.25 -10.90
N GLY A 9 18.52 38.50 -11.68
CA GLY A 9 17.93 37.47 -12.52
C GLY A 9 18.84 36.85 -13.57
N ALA A 10 18.36 35.80 -14.21
CA ALA A 10 19.15 35.02 -15.13
C ALA A 10 19.01 35.52 -16.56
N ARG A 11 20.10 35.44 -17.31
CA ARG A 11 20.04 35.63 -18.74
C ARG A 11 19.17 34.52 -19.34
N VAL A 12 18.20 34.89 -20.16
CA VAL A 12 17.32 33.94 -20.83
C VAL A 12 18.08 32.79 -21.51
N GLU A 13 19.20 33.13 -22.15
CA GLU A 13 20.09 32.12 -22.70
C GLU A 13 20.52 31.11 -21.62
N ASP A 14 20.77 31.63 -20.41
CA ASP A 14 21.17 30.78 -19.29
C ASP A 14 20.14 29.69 -19.02
N LEU A 15 18.87 30.00 -19.22
CA LEU A 15 17.83 29.00 -19.06
C LEU A 15 17.50 28.22 -20.34
N ALA A 16 17.98 28.70 -21.48
CA ALA A 16 17.53 28.16 -22.76
C ALA A 16 18.05 26.75 -23.08
N GLY A 17 19.02 26.27 -22.31
CA GLY A 17 19.54 24.94 -22.53
C GLY A 17 18.75 23.88 -21.78
N MSE A 18 18.08 24.31 -20.71
CA MSE A 18 17.32 23.40 -19.86
C MSE A 18 16.28 22.61 -20.66
O MSE A 18 15.46 23.19 -21.38
CB MSE A 18 16.62 24.15 -18.72
CG MSE A 18 17.53 25.00 -17.82
SE MSE A 18 18.91 24.07 -16.76
CE MSE A 18 17.78 22.78 -15.84
N ASP A 19 16.29 21.28 -20.49
CA ASP A 19 15.43 20.37 -21.24
C ASP A 19 13.96 20.84 -21.29
N VAL A 20 13.42 21.25 -20.14
CA VAL A 20 12.01 21.63 -20.03
C VAL A 20 11.61 22.84 -20.89
N PHE A 21 12.59 23.65 -21.27
CA PHE A 21 12.37 24.85 -22.08
C PHE A 21 12.63 24.71 -23.57
N GLN A 22 12.99 23.52 -24.03
CA GLN A 22 13.31 23.38 -25.43
C GLN A 22 12.08 23.67 -26.28
N GLY A 23 12.27 24.40 -27.36
CA GLY A 23 11.19 24.75 -28.27
C GLY A 23 10.52 26.05 -27.87
N CYS A 24 10.66 26.43 -26.61
CA CYS A 24 10.02 27.64 -26.10
C CYS A 24 10.61 28.89 -26.73
N PRO A 25 9.76 29.87 -27.04
CA PRO A 25 10.21 31.17 -27.54
C PRO A 25 10.92 31.94 -26.44
N ALA A 26 12.06 32.55 -26.75
CA ALA A 26 12.83 33.27 -25.74
C ALA A 26 11.96 34.18 -24.87
N GLU A 27 11.12 35.00 -25.50
CA GLU A 27 10.28 35.96 -24.79
C GLU A 27 9.49 35.25 -23.70
N GLY A 28 9.16 33.99 -23.95
CA GLY A 28 8.34 33.22 -23.03
C GLY A 28 9.03 33.05 -21.70
N LEU A 29 10.35 33.06 -21.72
CA LEU A 29 11.13 32.75 -20.53
C LEU A 29 11.48 33.95 -19.63
N VAL A 30 11.25 35.18 -20.10
CA VAL A 30 11.73 36.39 -19.43
C VAL A 30 11.27 36.56 -17.98
N SER A 31 9.96 36.54 -17.74
CA SER A 31 9.43 36.66 -16.38
C SER A 31 10.13 35.72 -15.41
N LEU A 32 10.28 34.46 -15.82
CA LEU A 32 10.90 33.46 -14.99
C LEU A 32 12.39 33.75 -14.80
N ALA A 33 13.04 34.11 -15.89
CA ALA A 33 14.46 34.43 -15.85
C ALA A 33 14.67 35.56 -14.86
N ALA A 34 13.63 36.36 -14.64
CA ALA A 34 13.70 37.43 -13.65
C ALA A 34 13.43 36.95 -12.23
N SER A 35 12.79 35.78 -12.10
CA SER A 35 12.32 35.26 -10.81
C SER A 35 13.28 34.27 -10.09
N VAL A 36 14.45 34.05 -10.67
CA VAL A 36 15.38 33.06 -10.14
C VAL A 36 16.69 33.70 -9.73
N GLN A 37 17.45 33.03 -8.87
CA GLN A 37 18.75 33.51 -8.43
C GLN A 37 19.77 32.42 -8.70
N PRO A 38 21.05 32.79 -8.84
CA PRO A 38 22.06 31.76 -9.09
C PRO A 38 22.40 30.93 -7.83
N LEU A 39 22.62 29.63 -8.02
CA LEU A 39 23.00 28.72 -6.94
C LEU A 39 24.39 28.07 -7.17
N ARG A 40 25.22 28.09 -6.14
CA ARG A 40 26.53 27.45 -6.17
C ARG A 40 26.59 26.42 -5.07
N ALA A 41 27.05 25.21 -5.39
CA ALA A 41 27.17 24.17 -4.37
C ALA A 41 28.39 23.30 -4.57
N ALA A 42 29.10 23.04 -3.47
CA ALA A 42 30.28 22.18 -3.50
C ALA A 42 29.92 20.69 -3.58
N ALA A 43 30.86 19.88 -4.07
CA ALA A 43 30.65 18.45 -4.09
C ALA A 43 30.34 18.06 -2.66
N GLY A 44 29.49 17.04 -2.49
CA GLY A 44 29.13 16.57 -1.17
C GLY A 44 28.09 17.39 -0.40
N GLN A 45 27.55 18.43 -1.02
CA GLN A 45 26.58 19.27 -0.33
C GLN A 45 25.12 18.86 -0.60
N VAL A 46 24.28 18.94 0.44
CA VAL A 46 22.90 18.51 0.36
C VAL A 46 21.94 19.63 -0.03
N LEU A 47 21.32 19.48 -1.19
CA LEU A 47 20.34 20.44 -1.72
C LEU A 47 18.93 20.26 -1.17
N LEU A 48 18.52 19.01 -0.99
CA LEU A 48 17.15 18.69 -0.60
C LEU A 48 17.08 17.48 0.32
N ARG A 49 15.94 17.27 0.97
CA ARG A 49 15.75 16.16 1.90
C ARG A 49 14.33 15.58 1.88
N GLN A 50 14.24 14.28 2.06
CA GLN A 50 13.00 13.54 1.77
C GLN A 50 11.71 13.94 2.50
N GLY A 51 11.79 14.35 3.75
CA GLY A 51 10.57 14.75 4.42
C GLY A 51 10.19 16.23 4.30
N GLU A 52 11.17 17.07 4.02
CA GLU A 52 11.01 18.53 4.03
CA GLU A 52 10.95 18.50 4.09
C GLU A 52 9.89 18.99 3.11
N PRO A 53 9.15 20.02 3.52
CA PRO A 53 8.16 20.72 2.70
C PRO A 53 8.86 21.46 1.57
N ALA A 54 8.15 21.73 0.47
CA ALA A 54 8.81 22.26 -0.72
C ALA A 54 8.58 23.74 -0.87
N VAL A 55 9.63 24.51 -0.62
CA VAL A 55 9.65 25.95 -0.92
C VAL A 55 10.39 26.30 -2.20
N SER A 56 10.98 25.30 -2.85
CA SER A 56 12.14 25.55 -3.70
C SER A 56 12.18 24.69 -4.97
N PHE A 57 12.85 25.18 -5.99
CA PHE A 57 13.19 24.35 -7.15
C PHE A 57 14.50 24.82 -7.77
N LEU A 58 15.15 23.94 -8.50
CA LEU A 58 16.47 24.25 -9.06
C LEU A 58 16.61 23.73 -10.49
N LEU A 59 17.36 24.47 -11.28
CA LEU A 59 17.67 24.08 -12.64
C LEU A 59 19.18 23.96 -12.71
N ILE A 60 19.68 22.83 -13.21
CA ILE A 60 21.12 22.58 -13.15
C ILE A 60 21.86 23.02 -14.41
N SER A 61 22.74 24.00 -14.23
CA SER A 61 23.63 24.45 -15.29
C SER A 61 24.85 23.54 -15.42
N SER A 62 25.43 23.17 -14.29
CA SER A 62 26.67 22.39 -14.28
C SER A 62 26.82 21.50 -13.03
N GLY A 63 27.54 20.39 -13.19
CA GLY A 63 27.68 19.41 -12.12
C GLY A 63 26.67 18.28 -12.20
N SER A 64 26.58 17.50 -11.14
CA SER A 64 25.64 16.39 -11.09
C SER A 64 25.30 16.12 -9.64
N ALA A 65 24.12 15.58 -9.40
CA ALA A 65 23.66 15.31 -8.05
C ALA A 65 23.03 13.93 -7.88
N GLU A 66 23.35 13.26 -6.77
CA GLU A 66 22.72 12.00 -6.42
C GLU A 66 21.31 12.19 -5.87
N VAL A 67 20.37 11.42 -6.41
CA VAL A 67 19.01 11.36 -5.88
C VAL A 67 18.84 10.06 -5.10
N SER A 68 18.45 10.17 -3.83
CA SER A 68 18.28 9.01 -2.99
C SER A 68 16.89 8.97 -2.35
N HIS A 69 16.17 7.90 -2.60
CA HIS A 69 14.82 7.74 -2.07
C HIS A 69 14.68 6.52 -1.15
N VAL A 70 14.28 6.75 0.09
CA VAL A 70 14.04 5.64 0.98
C VAL A 70 12.58 5.19 0.96
N GLY A 71 12.34 3.98 0.46
CA GLY A 71 11.01 3.41 0.44
C GLY A 71 10.61 2.93 1.82
N ASP A 72 9.39 2.42 1.94
CA ASP A 72 8.92 1.93 3.22
C ASP A 72 9.73 0.72 3.69
N ASP A 73 10.11 -0.13 2.74
CA ASP A 73 10.98 -1.26 3.01
C ASP A 73 12.21 -0.79 3.77
N GLY A 74 12.65 0.43 3.46
CA GLY A 74 13.81 1.02 4.11
C GLY A 74 15.03 1.00 3.21
N VAL A 75 14.87 0.46 2.01
CA VAL A 75 15.97 0.45 1.05
C VAL A 75 15.87 1.63 0.07
N ALA A 76 17.03 2.18 -0.26
CA ALA A 76 17.09 3.41 -1.03
C ALA A 76 17.29 3.18 -2.52
N ILE A 77 16.34 3.62 -3.32
CA ILE A 77 16.55 3.73 -4.74
C ILE A 77 17.43 4.95 -5.04
N ILE A 78 18.41 4.78 -5.92
CA ILE A 78 19.23 5.93 -6.34
C ILE A 78 19.09 6.27 -7.83
N ALA A 79 19.07 7.57 -8.13
CA ALA A 79 19.11 8.08 -9.49
C ALA A 79 20.08 9.26 -9.54
N ARG A 80 20.17 9.91 -10.69
CA ARG A 80 21.05 11.05 -10.84
C ARG A 80 20.29 12.21 -11.49
N ALA A 81 20.65 13.43 -11.08
CA ALA A 81 20.14 14.65 -11.67
C ALA A 81 21.30 15.36 -12.33
N LEU A 82 21.08 15.80 -13.57
CA LEU A 82 22.13 16.28 -14.45
C LEU A 82 21.81 17.65 -15.05
N PRO A 83 22.82 18.31 -15.63
CA PRO A 83 22.61 19.62 -16.23
C PRO A 83 21.53 19.58 -17.30
N GLY A 84 20.62 20.55 -17.24
CA GLY A 84 19.50 20.66 -18.16
C GLY A 84 18.22 20.24 -17.46
N MSE A 85 18.37 19.63 -16.30
CA MSE A 85 17.25 19.08 -15.54
C MSE A 85 16.82 19.98 -14.39
O MSE A 85 17.66 20.60 -13.75
CB MSE A 85 17.61 17.71 -14.98
CG MSE A 85 17.71 16.65 -16.04
SE MSE A 85 18.43 14.97 -15.38
CE MSE A 85 17.25 14.68 -13.85
N ILE A 86 15.51 20.06 -14.18
CA ILE A 86 14.97 20.62 -12.95
C ILE A 86 15.13 19.60 -11.84
N VAL A 87 15.04 20.07 -10.60
CA VAL A 87 14.87 19.19 -9.46
C VAL A 87 14.14 19.97 -8.35
N GLY A 88 13.32 19.29 -7.57
CA GLY A 88 12.45 19.97 -6.62
C GLY A 88 11.08 20.29 -7.21
N GLU A 89 10.87 19.98 -8.49
CA GLU A 89 9.60 20.31 -9.13
C GLU A 89 8.45 19.45 -8.63
N ILE A 90 8.76 18.22 -8.26
CA ILE A 90 7.72 17.23 -7.99
C ILE A 90 6.91 17.56 -6.75
N ALA A 91 7.60 17.89 -5.66
CA ALA A 91 6.92 18.22 -4.41
C ALA A 91 6.07 19.46 -4.61
N LEU A 92 6.55 20.39 -5.44
CA LEU A 92 5.78 21.59 -5.75
C LEU A 92 4.61 21.26 -6.67
N LEU A 93 4.73 20.16 -7.38
CA LEU A 93 3.68 19.73 -8.28
C LEU A 93 2.54 19.14 -7.49
N ARG A 94 2.87 18.26 -6.55
CA ARG A 94 1.88 17.55 -5.77
C ARG A 94 1.49 18.34 -4.54
N ASP A 95 2.19 19.44 -4.30
CA ASP A 95 2.05 20.17 -3.05
C ASP A 95 2.29 19.22 -1.88
N SER A 96 3.40 18.51 -1.93
CA SER A 96 3.70 17.45 -0.96
C SER A 96 5.15 17.53 -0.50
N PRO A 97 5.58 16.61 0.38
CA PRO A 97 6.99 16.63 0.81
C PRO A 97 7.93 16.22 -0.31
N ARG A 98 9.23 16.51 -0.13
CA ARG A 98 10.28 16.05 -1.04
C ARG A 98 10.22 14.54 -1.25
N SER A 99 10.25 14.12 -2.50
CA SER A 99 10.16 12.68 -2.80
C SER A 99 11.47 11.98 -2.49
N ALA A 100 12.53 12.76 -2.37
CA ALA A 100 13.86 12.17 -2.28
C ALA A 100 14.81 13.14 -1.63
N THR A 101 15.97 12.64 -1.23
CA THR A 101 17.06 13.53 -0.87
C THR A 101 18.01 13.70 -2.06
N VAL A 102 18.45 14.94 -2.27
CA VAL A 102 19.31 15.27 -3.38
C VAL A 102 20.65 15.84 -2.92
N THR A 103 21.72 15.17 -3.31
CA THR A 103 23.05 15.57 -2.89
C THR A 103 23.96 15.78 -4.08
N THR A 104 24.73 16.87 -4.02
CA THR A 104 25.70 17.21 -5.05
C THR A 104 26.79 16.17 -5.13
N ILE A 105 27.06 15.69 -6.33
CA ILE A 105 28.24 14.87 -6.60
C ILE A 105 29.32 15.77 -7.13
N GLU A 106 29.08 16.32 -8.31
CA GLU A 106 29.97 17.33 -8.88
C GLU A 106 29.62 18.72 -8.35
N PRO A 107 30.64 19.58 -8.12
CA PRO A 107 30.34 20.98 -7.80
C PRO A 107 29.35 21.52 -8.83
N LEU A 108 28.36 22.29 -8.39
CA LEU A 108 27.16 22.51 -9.20
C LEU A 108 26.68 23.97 -9.33
N THR A 109 26.01 24.25 -10.45
CA THR A 109 25.35 25.53 -10.74
C THR A 109 23.96 25.23 -11.29
N GLY A 110 22.94 25.72 -10.60
CA GLY A 110 22.91 27.07 -10.09
C GLY A 110 21.88 28.10 -10.57
N TRP A 111 20.82 27.68 -11.24
CA TRP A 111 19.61 28.53 -11.26
C TRP A 111 18.46 28.04 -10.37
N THR A 112 18.01 28.87 -9.43
CA THR A 112 17.02 28.42 -8.44
C THR A 112 15.90 29.41 -8.15
N GLY A 113 14.73 28.89 -7.83
CA GLY A 113 13.57 29.73 -7.61
C GLY A 113 12.60 29.17 -6.59
N GLY A 114 11.67 30.02 -6.17
CA GLY A 114 10.69 29.70 -5.15
C GLY A 114 9.31 29.46 -5.71
N ARG A 115 8.34 29.26 -4.82
CA ARG A 115 6.99 28.91 -5.20
C ARG A 115 6.43 29.82 -6.30
N GLY A 116 6.72 31.12 -6.19
CA GLY A 116 6.22 32.10 -7.14
C GLY A 116 6.86 31.96 -8.51
N ALA A 117 8.18 31.89 -8.51
CA ALA A 117 8.91 31.63 -9.75
C ALA A 117 8.37 30.36 -10.40
N PHE A 118 8.05 29.38 -9.56
CA PHE A 118 7.50 28.12 -10.04
C PHE A 118 6.18 28.38 -10.73
N ALA A 119 5.33 29.17 -10.08
CA ALA A 119 4.04 29.53 -10.68
C ALA A 119 4.23 30.12 -12.08
N THR A 120 5.03 31.16 -12.17
CA THR A 120 5.25 31.78 -13.47
C THR A 120 5.76 30.72 -14.46
N MSE A 121 6.60 29.81 -13.97
CA MSE A 121 7.18 28.77 -14.81
C MSE A 121 6.11 27.86 -15.41
O MSE A 121 6.10 27.58 -16.62
CB MSE A 121 8.17 27.92 -14.03
CG MSE A 121 8.61 26.67 -14.80
SE MSE A 121 10.24 25.83 -14.11
CE MSE A 121 9.71 25.71 -12.24
N VAL A 122 5.23 27.40 -14.54
CA VAL A 122 4.13 26.53 -14.90
C VAL A 122 3.25 27.23 -15.93
N HIS A 123 3.22 28.55 -15.85
CA HIS A 123 2.37 29.26 -16.79
C HIS A 123 2.98 29.45 -18.19
N ILE A 124 4.25 29.09 -18.34
CA ILE A 124 4.81 28.98 -19.68
C ILE A 124 4.10 27.81 -20.40
N PRO A 125 3.65 28.07 -21.64
CA PRO A 125 2.84 27.12 -22.41
C PRO A 125 3.57 25.80 -22.62
N GLY A 126 2.90 24.70 -22.32
CA GLY A 126 3.47 23.38 -22.51
C GLY A 126 4.64 23.04 -21.60
N VAL A 127 4.96 23.93 -20.67
CA VAL A 127 5.97 23.62 -19.66
C VAL A 127 5.41 22.75 -18.52
N GLY A 128 4.24 23.12 -18.01
CA GLY A 128 3.62 22.37 -16.94
C GLY A 128 3.44 20.91 -17.34
N GLU A 129 3.09 20.70 -18.61
CA GLU A 129 2.85 19.37 -19.13
C GLU A 129 4.14 18.55 -19.11
N ARG A 130 5.22 19.13 -19.62
CA ARG A 130 6.52 18.47 -19.59
C ARG A 130 6.82 18.07 -18.16
N LEU A 131 6.72 19.04 -17.26
CA LEU A 131 6.99 18.83 -15.84
C LEU A 131 6.23 17.65 -15.26
N LEU A 132 4.94 17.53 -15.60
CA LEU A 132 4.14 16.42 -15.11
C LEU A 132 4.62 15.10 -15.65
N ARG A 133 4.78 15.06 -16.97
CA ARG A 133 5.25 13.86 -17.63
C ARG A 133 6.49 13.35 -16.90
N THR A 134 7.55 14.15 -16.97
CA THR A 134 8.82 13.80 -16.34
C THR A 134 8.68 13.47 -14.87
N ALA A 135 7.78 14.17 -14.19
CA ALA A 135 7.58 13.93 -12.78
C ALA A 135 7.17 12.48 -12.56
N ARG A 136 6.08 12.05 -13.18
CA ARG A 136 5.66 10.69 -12.91
C ARG A 136 6.69 9.71 -13.44
N GLN A 137 7.30 10.07 -14.56
CA GLN A 137 8.40 9.27 -15.10
C GLN A 137 9.39 8.96 -13.98
N ARG A 138 9.71 9.97 -13.16
CA ARG A 138 10.69 9.81 -12.08
C ARG A 138 10.10 9.05 -10.90
N LEU A 139 8.84 9.32 -10.60
CA LEU A 139 8.21 8.68 -9.45
C LEU A 139 8.06 7.18 -9.65
N ALA A 140 8.07 6.74 -10.90
CA ALA A 140 7.89 5.32 -11.19
C ALA A 140 9.01 4.46 -10.61
N ALA A 141 10.18 5.07 -10.43
CA ALA A 141 11.33 4.37 -9.86
C ALA A 141 11.13 4.02 -8.39
N PHE A 142 10.23 4.73 -7.73
CA PHE A 142 10.05 4.54 -6.29
C PHE A 142 8.93 3.58 -5.99
N VAL A 143 8.25 3.13 -7.03
CA VAL A 143 7.17 2.18 -6.84
C VAL A 143 7.79 0.82 -6.51
N SER A 144 7.01 -0.05 -5.85
CA SER A 144 7.53 -1.33 -5.36
C SER A 144 7.34 -2.48 -6.35
N PRO A 145 8.44 -3.09 -6.77
CA PRO A 145 8.36 -4.17 -7.76
C PRO A 145 7.63 -5.34 -7.15
N ILE A 146 6.64 -5.87 -7.87
CA ILE A 146 5.81 -6.97 -7.39
C ILE A 146 6.48 -8.31 -7.65
N PRO A 147 6.63 -9.13 -6.58
CA PRO A 147 7.16 -10.49 -6.74
C PRO A 147 6.19 -11.35 -7.53
N VAL A 148 6.71 -12.05 -8.51
CA VAL A 148 5.89 -12.89 -9.36
C VAL A 148 6.53 -14.27 -9.49
N ARG A 149 5.83 -15.30 -9.03
CA ARG A 149 6.37 -16.66 -9.09
C ARG A 149 5.56 -17.48 -10.08
N LEU A 150 6.18 -17.80 -11.21
CA LEU A 150 5.54 -18.62 -12.24
C LEU A 150 5.48 -20.14 -11.92
N ALA A 151 4.59 -20.83 -12.62
CA ALA A 151 4.24 -22.22 -12.34
C ALA A 151 5.41 -23.21 -12.18
N ASP A 152 6.49 -23.00 -12.92
CA ASP A 152 7.63 -23.90 -12.84
C ASP A 152 8.63 -23.46 -11.76
N GLY A 153 8.28 -22.42 -11.00
CA GLY A 153 9.06 -22.05 -9.85
C GLY A 153 10.03 -20.89 -10.03
N THR A 154 10.36 -20.55 -11.27
CA THR A 154 11.34 -19.47 -11.50
C THR A 154 10.76 -18.09 -11.12
N GLN A 155 11.54 -17.34 -10.36
CA GLN A 155 11.03 -16.16 -9.65
C GLN A 155 11.42 -14.82 -10.31
N LEU A 156 10.42 -13.98 -10.56
CA LEU A 156 10.68 -12.70 -11.22
C LEU A 156 9.99 -11.52 -10.53
N MSE A 157 10.14 -10.36 -11.16
CA MSE A 157 9.64 -9.09 -10.64
C MSE A 157 8.88 -8.31 -11.72
O MSE A 157 9.31 -8.25 -12.88
CB MSE A 157 10.81 -8.25 -10.14
CG MSE A 157 11.61 -8.95 -9.05
SE MSE A 157 10.65 -9.07 -7.37
CE MSE A 157 10.94 -7.25 -6.74
N LEU A 158 7.77 -7.72 -11.33
CA LEU A 158 6.90 -6.95 -12.21
C LEU A 158 6.97 -5.50 -11.78
N ARG A 159 7.43 -4.63 -12.67
CA ARG A 159 7.42 -3.20 -12.39
C ARG A 159 7.25 -2.45 -13.69
N PRO A 160 7.12 -1.13 -13.63
CA PRO A 160 7.01 -0.32 -14.84
C PRO A 160 8.35 -0.11 -15.49
N VAL A 161 8.35 0.06 -16.80
CA VAL A 161 9.57 0.42 -17.52
C VAL A 161 10.18 1.69 -16.92
N LEU A 162 11.50 1.72 -16.89
CA LEU A 162 12.23 2.93 -16.59
C LEU A 162 13.07 3.28 -17.81
N PRO A 163 13.36 4.57 -18.02
CA PRO A 163 14.16 4.93 -19.20
C PRO A 163 15.46 4.12 -19.24
N GLY A 164 16.01 3.86 -18.06
CA GLY A 164 17.29 3.18 -17.91
C GLY A 164 17.25 1.72 -18.34
N ASP A 165 16.04 1.18 -18.43
CA ASP A 165 15.83 -0.17 -18.95
C ASP A 165 16.45 -0.23 -20.33
N ARG A 166 16.30 0.85 -21.08
CA ARG A 166 16.94 0.94 -22.38
C ARG A 166 18.38 0.45 -22.21
N GLU A 167 19.17 1.20 -21.46
CA GLU A 167 20.56 0.83 -21.22
C GLU A 167 20.61 -0.60 -20.71
N ARG A 168 19.81 -0.86 -19.67
CA ARG A 168 19.82 -2.12 -18.98
C ARG A 168 19.79 -3.23 -20.01
N THR A 169 18.95 -3.06 -21.02
CA THR A 169 18.67 -4.12 -22.00
C THR A 169 19.75 -4.26 -23.05
N VAL A 170 20.29 -3.13 -23.48
CA VAL A 170 21.22 -3.16 -24.59
C VAL A 170 22.51 -3.83 -24.14
N HIS A 171 22.94 -3.49 -22.93
CA HIS A 171 24.18 -4.04 -22.40
C HIS A 171 24.01 -5.23 -21.48
N GLY A 172 22.77 -5.68 -21.32
CA GLY A 172 22.48 -6.84 -20.49
C GLY A 172 22.97 -8.15 -21.08
N HIS A 173 22.95 -9.21 -20.26
CA HIS A 173 23.39 -10.54 -20.67
C HIS A 173 22.24 -11.38 -21.21
N ILE A 174 21.03 -10.84 -21.12
CA ILE A 174 19.82 -11.54 -21.57
C ILE A 174 19.70 -11.50 -23.08
N GLN A 175 19.46 -12.65 -23.68
CA GLN A 175 19.48 -12.77 -25.14
C GLN A 175 18.11 -12.63 -25.79
N PHE A 176 18.00 -11.70 -26.73
CA PHE A 176 16.81 -11.59 -27.56
C PHE A 176 17.18 -11.91 -29.00
N SER A 177 16.72 -13.07 -29.48
CA SER A 177 17.16 -13.60 -30.77
C SER A 177 16.65 -12.74 -31.91
N GLY A 178 17.29 -12.88 -33.06
CA GLY A 178 16.81 -12.25 -34.28
C GLY A 178 15.38 -12.68 -34.57
N GLU A 179 15.08 -13.95 -34.35
CA GLU A 179 13.73 -14.44 -34.56
C GLU A 179 12.74 -13.73 -33.63
N THR A 180 13.16 -13.47 -32.40
CA THR A 180 12.34 -12.71 -31.45
C THR A 180 12.11 -11.29 -31.94
N LEU A 181 13.22 -10.63 -32.28
CA LEU A 181 13.19 -9.26 -32.77
C LEU A 181 12.29 -9.17 -33.98
N TYR A 182 12.24 -10.24 -34.76
CA TYR A 182 11.48 -10.25 -36.00
C TYR A 182 10.00 -10.44 -35.71
N ARG A 183 9.70 -11.34 -34.79
CA ARG A 183 8.32 -11.64 -34.42
C ARG A 183 7.67 -10.41 -33.78
N ARG A 184 8.49 -9.59 -33.14
CA ARG A 184 8.02 -8.40 -32.44
C ARG A 184 7.98 -7.17 -33.37
N PHE A 185 9.15 -6.77 -33.87
CA PHE A 185 9.32 -5.58 -34.71
C PHE A 185 9.33 -5.88 -36.21
N MSE A 186 9.17 -7.14 -36.57
CA MSE A 186 9.17 -7.55 -37.97
C MSE A 186 10.53 -7.32 -38.64
O MSE A 186 10.63 -7.20 -39.87
CB MSE A 186 8.09 -6.80 -38.74
CG MSE A 186 7.81 -7.39 -40.11
SE MSE A 186 6.12 -6.76 -40.80
CE MSE A 186 5.12 -6.70 -39.12
N SER A 187 11.57 -7.27 -37.83
CA SER A 187 12.93 -7.33 -38.35
C SER A 187 13.80 -8.05 -37.34
N ALA A 188 14.70 -8.88 -37.84
CA ALA A 188 15.58 -9.68 -36.99
C ALA A 188 16.68 -8.82 -36.41
N ARG A 189 16.83 -7.61 -36.94
CA ARG A 189 17.90 -6.71 -36.52
C ARG A 189 17.67 -6.16 -35.12
N VAL A 190 18.77 -5.79 -34.45
CA VAL A 190 18.69 -5.14 -33.14
C VAL A 190 18.12 -3.73 -33.30
N PRO A 191 17.18 -3.34 -32.42
CA PRO A 191 16.43 -2.08 -32.50
C PRO A 191 17.32 -0.84 -32.48
N SER A 192 17.05 0.10 -33.38
CA SER A 192 17.82 1.34 -33.47
C SER A 192 17.72 2.15 -32.16
N PRO A 193 18.70 3.01 -31.90
CA PRO A 193 18.71 3.83 -30.68
C PRO A 193 17.43 4.65 -30.55
N ALA A 194 17.00 5.24 -31.67
CA ALA A 194 15.77 6.01 -31.71
C ALA A 194 14.63 5.17 -31.15
N LEU A 195 14.49 3.97 -31.71
CA LEU A 195 13.46 3.03 -31.28
C LEU A 195 13.55 2.72 -29.79
N MSE A 196 14.74 2.31 -29.33
CA MSE A 196 14.93 2.02 -27.90
C MSE A 196 14.43 3.17 -27.03
O MSE A 196 13.73 2.95 -26.03
CB MSE A 196 16.41 1.76 -27.60
CG MSE A 196 16.93 0.42 -28.15
SE MSE A 196 15.83 -1.13 -27.67
CE MSE A 196 16.62 -1.55 -25.93
N HIS A 197 14.76 4.40 -27.42
CA HIS A 197 14.26 5.58 -26.73
CA HIS A 197 14.27 5.55 -26.70
C HIS A 197 12.73 5.55 -26.69
N TYR A 198 12.13 5.31 -27.85
CA TYR A 198 10.68 5.29 -27.92
C TYR A 198 10.11 4.25 -26.95
N LEU A 199 10.59 3.02 -27.03
CA LEU A 199 10.10 1.95 -26.17
C LEU A 199 10.34 2.26 -24.71
N SER A 200 11.26 3.19 -24.46
CA SER A 200 11.77 3.48 -23.13
C SER A 200 11.07 4.62 -22.40
N GLU A 201 11.11 5.82 -22.99
CA GLU A 201 10.53 6.99 -22.35
C GLU A 201 9.05 7.15 -22.67
N VAL A 202 8.20 7.04 -21.65
CA VAL A 202 6.75 7.10 -21.82
C VAL A 202 6.10 7.90 -20.71
N ASP A 203 4.89 8.37 -20.97
CA ASP A 203 4.15 9.22 -20.04
C ASP A 203 3.31 8.39 -19.08
N TYR A 204 3.12 7.11 -19.40
CA TYR A 204 2.32 6.19 -18.58
C TYR A 204 0.82 6.39 -18.77
N VAL A 205 0.45 7.50 -19.39
CA VAL A 205 -0.95 7.82 -19.61
C VAL A 205 -1.43 7.31 -20.97
N ASP A 206 -0.87 7.82 -22.07
CA ASP A 206 -1.14 7.26 -23.40
C ASP A 206 -0.22 6.09 -23.74
N HIS A 207 0.88 5.94 -23.01
CA HIS A 207 1.78 4.83 -23.29
C HIS A 207 2.11 4.20 -21.97
N PHE A 208 1.67 2.96 -21.78
CA PHE A 208 1.98 2.27 -20.55
C PHE A 208 2.82 1.04 -20.85
N VAL A 209 3.81 0.79 -19.99
CA VAL A 209 4.69 -0.36 -20.15
C VAL A 209 5.00 -1.06 -18.83
N TRP A 210 4.76 -2.36 -18.83
CA TRP A 210 5.25 -3.27 -17.81
C TRP A 210 6.56 -3.88 -18.27
N VAL A 211 7.47 -4.04 -17.34
CA VAL A 211 8.64 -4.87 -17.53
C VAL A 211 8.70 -5.90 -16.41
N VAL A 212 9.13 -7.11 -16.76
CA VAL A 212 9.45 -8.14 -15.79
C VAL A 212 10.94 -8.41 -15.86
N THR A 213 11.53 -8.61 -14.69
CA THR A 213 12.96 -8.83 -14.53
C THR A 213 13.27 -10.07 -13.72
N ASP A 214 14.52 -10.53 -13.83
CA ASP A 214 15.05 -11.56 -12.93
C ASP A 214 15.28 -10.97 -11.54
N GLY A 215 15.01 -9.67 -11.40
CA GLY A 215 15.28 -8.94 -10.18
C GLY A 215 16.41 -7.94 -10.38
N SER A 216 17.06 -8.03 -11.52
CA SER A 216 17.99 -6.99 -11.93
C SER A 216 17.66 -6.54 -13.36
N ASP A 217 17.88 -7.45 -14.29
CA ASP A 217 17.70 -7.18 -15.70
C ASP A 217 16.28 -7.52 -16.13
N PRO A 218 15.71 -6.67 -17.01
CA PRO A 218 14.39 -6.96 -17.57
C PRO A 218 14.48 -8.24 -18.38
N VAL A 219 13.60 -9.21 -18.12
CA VAL A 219 13.49 -10.38 -19.00
C VAL A 219 12.32 -10.28 -19.98
N ALA A 220 11.49 -9.25 -19.85
CA ALA A 220 10.32 -9.16 -20.73
C ALA A 220 9.49 -7.88 -20.52
N ASP A 221 8.57 -7.61 -21.44
CA ASP A 221 7.75 -6.41 -21.33
C ASP A 221 6.41 -6.54 -22.04
N ALA A 222 5.47 -5.70 -21.63
CA ALA A 222 4.17 -5.63 -22.27
C ALA A 222 3.73 -4.18 -22.25
N ARG A 223 3.19 -3.68 -23.36
CA ARG A 223 2.83 -2.27 -23.42
C ARG A 223 1.55 -2.04 -24.20
N PHE A 224 0.94 -0.88 -23.97
CA PHE A 224 -0.18 -0.44 -24.80
C PHE A 224 -0.02 1.04 -25.09
N VAL A 225 -0.41 1.43 -26.30
CA VAL A 225 -0.39 2.82 -26.70
C VAL A 225 -1.80 3.22 -27.11
N ARG A 226 -2.33 4.22 -26.42
CA ARG A 226 -3.67 4.75 -26.68
C ARG A 226 -3.82 5.26 -28.12
N ASP A 227 -4.94 4.90 -28.76
CA ASP A 227 -5.20 5.32 -30.14
C ASP A 227 -5.39 6.83 -30.27
N GLU A 228 -4.73 7.41 -31.27
CA GLU A 228 -4.75 8.86 -31.48
C GLU A 228 -6.17 9.42 -31.53
N THR A 229 -6.99 8.80 -32.37
CA THR A 229 -8.38 9.21 -32.55
C THR A 229 -9.35 8.69 -31.48
N ASP A 230 -9.13 7.45 -31.02
CA ASP A 230 -10.02 6.82 -30.03
C ASP A 230 -9.29 6.38 -28.77
N PRO A 231 -9.27 7.26 -27.76
CA PRO A 231 -8.62 7.13 -26.45
C PRO A 231 -9.12 5.95 -25.62
N THR A 232 -10.24 5.34 -26.04
CA THR A 232 -10.81 4.21 -25.34
C THR A 232 -10.26 2.89 -25.87
N VAL A 233 -9.42 2.97 -26.90
CA VAL A 233 -8.75 1.79 -27.42
C VAL A 233 -7.25 2.03 -27.51
N ALA A 234 -6.47 0.99 -27.24
CA ALA A 234 -5.03 1.09 -27.37
C ALA A 234 -4.51 -0.15 -28.04
N GLU A 235 -3.45 -0.01 -28.83
CA GLU A 235 -2.77 -1.16 -29.45
C GLU A 235 -1.81 -1.76 -28.43
N ILE A 236 -1.78 -3.08 -28.32
CA ILE A 236 -0.91 -3.73 -27.34
C ILE A 236 0.16 -4.63 -27.96
N ALA A 237 1.26 -4.77 -27.26
CA ALA A 237 2.39 -5.55 -27.75
C ALA A 237 3.21 -6.13 -26.61
N PHE A 238 3.90 -7.24 -26.88
CA PHE A 238 4.63 -7.94 -25.85
C PHE A 238 5.96 -8.44 -26.39
N THR A 239 6.94 -8.57 -25.49
CA THR A 239 8.18 -9.25 -25.82
C THR A 239 8.68 -10.07 -24.65
N VAL A 240 9.03 -11.32 -24.91
CA VAL A 240 9.61 -12.16 -23.86
C VAL A 240 10.94 -12.73 -24.33
N ALA A 241 11.95 -12.64 -23.48
CA ALA A 241 13.28 -13.13 -23.83
C ALA A 241 13.24 -14.63 -24.17
N ASP A 242 14.13 -15.07 -25.05
CA ASP A 242 14.06 -16.42 -25.59
C ASP A 242 13.93 -17.48 -24.50
N ALA A 243 14.84 -17.47 -23.53
CA ALA A 243 14.86 -18.53 -22.52
C ALA A 243 13.70 -18.44 -21.53
N TYR A 244 13.00 -17.31 -21.49
CA TYR A 244 11.83 -17.18 -20.62
C TYR A 244 10.52 -17.43 -21.36
N GLN A 245 10.62 -17.68 -22.65
CA GLN A 245 9.44 -17.91 -23.46
C GLN A 245 8.79 -19.27 -23.14
N GLY A 246 7.46 -19.32 -23.28
CA GLY A 246 6.73 -20.56 -23.09
C GLY A 246 6.51 -20.99 -21.65
N ARG A 247 6.90 -20.15 -20.70
CA ARG A 247 6.69 -20.44 -19.29
C ARG A 247 5.44 -19.78 -18.68
N GLY A 248 4.70 -19.04 -19.51
CA GLY A 248 3.48 -18.39 -19.06
C GLY A 248 3.60 -16.90 -18.79
N ILE A 249 4.76 -16.32 -19.10
CA ILE A 249 4.99 -14.90 -18.86
C ILE A 249 4.01 -14.02 -19.66
N GLY A 250 3.76 -14.38 -20.91
CA GLY A 250 2.89 -13.61 -21.77
C GLY A 250 1.46 -13.52 -21.28
N SER A 251 0.97 -14.65 -20.79
CA SER A 251 -0.39 -14.73 -20.28
C SER A 251 -0.55 -13.78 -19.10
N PHE A 252 0.39 -13.92 -18.16
CA PHE A 252 0.45 -13.04 -17.01
C PHE A 252 0.42 -11.59 -17.47
N LEU A 253 1.38 -11.26 -18.34
CA LEU A 253 1.55 -9.89 -18.83
C LEU A 253 0.30 -9.31 -19.46
N ILE A 254 -0.49 -10.13 -20.15
CA ILE A 254 -1.72 -9.57 -20.68
C ILE A 254 -2.70 -9.31 -19.55
N GLY A 255 -2.62 -10.12 -18.48
CA GLY A 255 -3.42 -9.82 -17.31
C GLY A 255 -3.05 -8.48 -16.70
N ALA A 256 -1.75 -8.35 -16.43
CA ALA A 256 -1.17 -7.15 -15.86
C ALA A 256 -1.54 -5.91 -16.68
N LEU A 257 -1.30 -6.01 -17.98
CA LEU A 257 -1.59 -4.95 -18.92
C LEU A 257 -3.05 -4.60 -18.86
N SER A 258 -3.89 -5.61 -18.66
CA SER A 258 -5.32 -5.41 -18.57
C SER A 258 -5.72 -4.59 -17.34
N VAL A 259 -5.07 -4.86 -16.22
CA VAL A 259 -5.31 -4.06 -15.02
C VAL A 259 -4.89 -2.61 -15.25
N ALA A 260 -3.65 -2.43 -15.70
CA ALA A 260 -3.15 -1.11 -16.00
C ALA A 260 -4.12 -0.36 -16.91
N ALA A 261 -4.67 -1.09 -17.87
CA ALA A 261 -5.56 -0.52 -18.89
C ALA A 261 -6.81 -0.02 -18.24
N ARG A 262 -7.42 -0.91 -17.46
CA ARG A 262 -8.61 -0.55 -16.74
C ARG A 262 -8.39 0.76 -16.01
N VAL A 263 -7.28 0.86 -15.28
CA VAL A 263 -6.97 2.12 -14.60
C VAL A 263 -6.91 3.31 -15.57
N ASP A 264 -6.17 3.12 -16.65
CA ASP A 264 -5.92 4.19 -17.62
C ASP A 264 -7.17 4.66 -18.36
N GLY A 265 -8.29 3.99 -18.12
CA GLY A 265 -9.54 4.38 -18.74
C GLY A 265 -9.64 3.79 -20.12
N VAL A 266 -8.76 2.83 -20.41
CA VAL A 266 -8.77 2.12 -21.68
C VAL A 266 -9.73 0.94 -21.64
N GLU A 267 -10.40 0.70 -22.76
CA GLU A 267 -11.48 -0.26 -22.85
C GLU A 267 -11.12 -1.39 -23.79
N ARG A 268 -10.88 -1.06 -25.05
CA ARG A 268 -10.54 -2.08 -26.03
C ARG A 268 -9.06 -2.13 -26.40
N PHE A 269 -8.53 -3.36 -26.43
CA PHE A 269 -7.18 -3.64 -26.91
C PHE A 269 -7.20 -4.06 -28.38
N ALA A 270 -6.31 -3.46 -29.16
CA ALA A 270 -6.14 -3.84 -30.56
C ALA A 270 -4.84 -4.61 -30.68
N ALA A 271 -4.80 -5.60 -31.56
CA ALA A 271 -3.59 -6.41 -31.71
C ALA A 271 -3.30 -6.73 -33.18
N ARG A 272 -2.01 -6.78 -33.50
CA ARG A 272 -1.51 -7.04 -34.85
C ARG A 272 -0.43 -8.10 -34.70
N MSE A 273 -0.26 -8.96 -35.70
CA MSE A 273 0.77 -10.00 -35.57
C MSE A 273 0.93 -10.89 -36.79
O MSE A 273 0.06 -10.98 -37.65
CB MSE A 273 0.46 -10.89 -34.36
CG MSE A 273 -0.95 -11.43 -34.34
SE MSE A 273 -1.28 -12.73 -32.92
CE MSE A 273 -0.61 -14.28 -33.86
N LEU A 274 2.06 -11.58 -36.82
CA LEU A 274 2.36 -12.49 -37.89
C LEU A 274 1.38 -13.65 -37.80
N SER A 275 0.68 -13.91 -38.90
CA SER A 275 -0.35 -14.93 -38.94
C SER A 275 0.20 -16.23 -38.39
N ASP A 276 1.51 -16.39 -38.54
CA ASP A 276 2.19 -17.61 -38.17
C ASP A 276 2.70 -17.63 -36.73
N ASN A 277 2.36 -16.62 -35.92
CA ASN A 277 2.87 -16.64 -34.55
C ASN A 277 1.78 -17.16 -33.63
N VAL A 278 1.95 -18.43 -33.27
CA VAL A 278 0.90 -19.20 -32.62
C VAL A 278 0.62 -18.83 -31.17
N PRO A 279 1.68 -18.77 -30.33
CA PRO A 279 1.50 -18.47 -28.91
C PRO A 279 0.73 -17.17 -28.69
N MSE A 280 1.09 -16.12 -29.42
CA MSE A 280 0.41 -14.85 -29.29
C MSE A 280 -1.06 -15.02 -29.63
O MSE A 280 -1.96 -14.58 -28.89
CB MSE A 280 1.04 -13.79 -30.21
CG MSE A 280 0.63 -12.36 -29.86
SE MSE A 280 1.11 -11.84 -28.04
CE MSE A 280 -0.65 -11.90 -27.18
N ARG A 281 -1.31 -15.68 -30.76
CA ARG A 281 -2.68 -15.93 -31.20
C ARG A 281 -3.46 -16.70 -30.15
N THR A 282 -2.80 -17.65 -29.49
CA THR A 282 -3.43 -18.51 -28.50
C THR A 282 -3.84 -17.69 -27.27
N ILE A 283 -2.89 -16.92 -26.79
CA ILE A 283 -3.12 -15.99 -25.70
C ILE A 283 -4.36 -15.17 -26.02
N MSE A 284 -4.36 -14.57 -27.20
CA MSE A 284 -5.49 -13.74 -27.61
C MSE A 284 -6.76 -14.58 -27.53
O MSE A 284 -7.70 -14.23 -26.81
CB MSE A 284 -5.30 -13.20 -29.03
CG MSE A 284 -4.19 -12.17 -29.16
SE MSE A 284 -4.18 -10.75 -27.78
CE MSE A 284 -5.61 -9.60 -28.44
N ASP A 285 -6.74 -15.71 -28.22
CA ASP A 285 -7.92 -16.57 -28.39
C ASP A 285 -8.60 -16.85 -27.08
N ARG A 286 -7.82 -16.97 -26.01
CA ARG A 286 -8.42 -17.15 -24.69
C ARG A 286 -9.51 -16.12 -24.38
N TYR A 287 -9.32 -14.89 -24.84
CA TYR A 287 -10.31 -13.84 -24.68
C TYR A 287 -11.19 -13.67 -25.92
N GLY A 288 -10.97 -14.53 -26.92
CA GLY A 288 -11.43 -14.25 -28.27
C GLY A 288 -10.23 -13.58 -28.93
N ALA A 289 -10.45 -12.79 -29.96
CA ALA A 289 -11.73 -12.65 -30.62
C ALA A 289 -11.45 -12.90 -32.10
N VAL A 290 -12.45 -12.70 -32.94
CA VAL A 290 -12.32 -12.94 -34.36
C VAL A 290 -11.09 -12.24 -34.97
N TRP A 291 -10.39 -12.95 -35.84
CA TRP A 291 -9.24 -12.42 -36.56
C TRP A 291 -9.59 -11.86 -37.94
N GLN A 292 -8.99 -10.74 -38.30
CA GLN A 292 -9.15 -10.21 -39.64
C GLN A 292 -7.77 -10.12 -40.26
N ARG A 293 -7.69 -10.12 -41.58
CA ARG A 293 -6.40 -10.00 -42.24
C ARG A 293 -6.10 -8.52 -42.48
N GLU A 294 -5.05 -8.02 -41.84
CA GLU A 294 -4.64 -6.65 -42.06
C GLU A 294 -3.82 -6.55 -43.35
N ASP A 295 -2.92 -7.52 -43.54
CA ASP A 295 -2.12 -7.56 -44.76
C ASP A 295 -1.61 -8.97 -44.96
N VAL A 296 -0.83 -9.16 -46.02
CA VAL A 296 -0.24 -10.47 -46.34
C VAL A 296 0.57 -10.98 -45.17
N GLY A 297 0.26 -12.20 -44.72
CA GLY A 297 0.97 -12.79 -43.61
C GLY A 297 0.80 -12.04 -42.30
N VAL A 298 -0.14 -11.09 -42.28
CA VAL A 298 -0.40 -10.28 -41.10
C VAL A 298 -1.88 -10.14 -40.74
N ILE A 299 -2.17 -10.39 -39.46
CA ILE A 299 -3.53 -10.41 -38.95
C ILE A 299 -3.73 -9.41 -37.78
N THR A 300 -4.98 -9.09 -37.50
CA THR A 300 -5.34 -8.17 -36.44
C THR A 300 -6.44 -8.72 -35.55
N THR A 301 -6.89 -7.90 -34.60
CA THR A 301 -8.07 -8.20 -33.80
C THR A 301 -8.36 -7.10 -32.76
N MSE A 302 -9.55 -7.17 -32.21
CA MSE A 302 -10.01 -6.20 -31.23
C MSE A 302 -10.72 -6.93 -30.10
O MSE A 302 -11.65 -7.67 -30.35
CB MSE A 302 -11.00 -5.25 -31.91
CG MSE A 302 -11.44 -4.10 -31.04
SE MSE A 302 -10.01 -2.80 -30.89
CE MSE A 302 -10.31 -1.87 -32.57
N ILE A 303 -10.26 -6.73 -28.87
CA ILE A 303 -10.96 -7.30 -27.72
C ILE A 303 -11.33 -6.27 -26.65
N ASP A 304 -12.52 -6.43 -26.07
CA ASP A 304 -12.87 -5.68 -24.89
C ASP A 304 -11.86 -6.09 -23.83
N VAL A 305 -11.54 -5.20 -22.89
CA VAL A 305 -10.57 -5.53 -21.86
C VAL A 305 -11.22 -6.27 -20.72
N PRO A 306 -10.88 -7.55 -20.54
CA PRO A 306 -11.23 -8.11 -19.24
C PRO A 306 -10.33 -7.36 -18.28
N GLY A 307 -10.81 -6.78 -17.20
CA GLY A 307 -12.16 -6.90 -16.70
C GLY A 307 -12.20 -7.87 -15.53
N PRO A 308 -13.06 -7.56 -14.54
CA PRO A 308 -13.18 -8.36 -13.31
C PRO A 308 -13.79 -9.74 -13.55
N GLY A 309 -13.17 -10.76 -12.96
CA GLY A 309 -13.67 -12.12 -13.06
C GLY A 309 -13.12 -12.88 -14.25
N GLU A 310 -12.61 -12.15 -15.23
CA GLU A 310 -12.10 -12.76 -16.45
C GLU A 310 -10.61 -13.06 -16.41
N LEU A 311 -9.97 -12.81 -15.27
CA LEU A 311 -8.52 -12.98 -15.20
C LEU A 311 -8.06 -14.17 -14.36
N SER A 312 -6.99 -14.80 -14.82
CA SER A 312 -6.44 -16.00 -14.19
C SER A 312 -5.41 -15.64 -13.12
N LEU A 313 -5.22 -14.35 -12.89
CA LEU A 313 -4.15 -13.85 -12.05
C LEU A 313 -4.30 -14.21 -10.56
N GLY A 314 -5.44 -13.84 -9.98
CA GLY A 314 -5.60 -13.95 -8.55
C GLY A 314 -6.52 -12.86 -8.04
N ARG A 315 -6.39 -12.57 -6.75
CA ARG A 315 -7.11 -11.46 -6.15
C ARG A 315 -6.08 -10.55 -5.49
N GLU A 316 -5.37 -11.12 -4.52
CA GLU A 316 -4.22 -10.44 -3.94
C GLU A 316 -3.34 -9.91 -5.06
N MSE A 317 -3.12 -10.75 -6.07
CA MSE A 317 -2.27 -10.36 -7.20
C MSE A 317 -2.82 -9.15 -7.96
O MSE A 317 -2.12 -8.14 -8.11
CB MSE A 317 -2.08 -11.52 -8.17
CG MSE A 317 -1.29 -11.10 -9.41
SE MSE A 317 0.40 -10.20 -9.00
CE MSE A 317 1.63 -11.61 -9.57
N VAL A 318 -4.06 -9.26 -8.44
CA VAL A 318 -4.64 -8.13 -9.16
C VAL A 318 -4.63 -6.92 -8.25
N ASP A 319 -4.77 -7.13 -6.95
CA ASP A 319 -4.65 -6.05 -5.97
C ASP A 319 -3.31 -5.34 -6.10
N GLN A 320 -2.23 -6.06 -5.83
CA GLN A 320 -0.88 -5.52 -5.94
C GLN A 320 -0.61 -4.83 -7.29
N ILE A 321 -1.02 -5.48 -8.38
CA ILE A 321 -0.85 -4.92 -9.72
C ILE A 321 -1.60 -3.60 -9.92
N ASN A 322 -2.91 -3.64 -9.70
CA ASN A 322 -3.75 -2.46 -9.77
C ASN A 322 -3.24 -1.33 -8.88
N ARG A 323 -2.66 -1.71 -7.76
CA ARG A 323 -2.12 -0.78 -6.78
C ARG A 323 -0.88 -0.08 -7.30
N VAL A 324 0.09 -0.86 -7.75
CA VAL A 324 1.32 -0.36 -8.35
C VAL A 324 1.05 0.49 -9.60
N ALA A 325 0.19 -0.04 -10.48
CA ALA A 325 -0.18 0.64 -11.71
C ALA A 325 -0.84 1.98 -11.41
N ARG A 326 -1.91 1.95 -10.64
CA ARG A 326 -2.61 3.18 -10.28
C ARG A 326 -1.68 4.16 -9.58
N GLN A 327 -0.77 3.61 -8.79
CA GLN A 327 0.24 4.39 -8.09
C GLN A 327 1.12 5.16 -9.08
N VAL A 328 1.49 4.51 -10.17
CA VAL A 328 2.31 5.16 -11.20
C VAL A 328 1.51 6.15 -12.05
N ILE A 329 0.27 5.79 -12.35
CA ILE A 329 -0.52 6.56 -13.30
C ILE A 329 -1.05 7.87 -12.75
N GLU A 330 -1.62 7.81 -11.55
CA GLU A 330 -2.23 8.97 -10.91
C GLU A 330 -1.29 9.72 -9.96
N ALA A 331 -0.01 9.32 -9.95
CA ALA A 331 0.94 9.87 -9.00
C ALA A 331 0.91 11.41 -8.90
N VAL A 332 1.02 12.09 -10.03
CA VAL A 332 0.93 13.56 -10.05
C VAL A 332 -0.45 14.10 -10.39
N GLY A 333 -1.44 13.23 -10.56
CA GLY A 333 -2.78 13.70 -10.87
C GLY A 333 -3.79 12.59 -11.03
N THR B 8 -23.36 -39.73 18.99
CA THR B 8 -24.35 -38.69 18.71
C THR B 8 -24.21 -38.10 17.30
N GLY B 9 -23.40 -37.04 17.17
CA GLY B 9 -23.08 -36.48 15.86
C GLY B 9 -23.71 -35.15 15.52
N ALA B 10 -23.06 -34.40 14.64
CA ALA B 10 -23.42 -32.99 14.41
C ALA B 10 -24.30 -32.72 13.19
N ARG B 11 -25.26 -31.81 13.37
CA ARG B 11 -26.13 -31.35 12.30
C ARG B 11 -26.05 -29.85 12.15
N VAL B 12 -26.40 -29.34 10.98
CA VAL B 12 -26.17 -27.94 10.64
C VAL B 12 -26.67 -26.97 11.73
N GLU B 13 -27.85 -27.24 12.28
CA GLU B 13 -28.38 -26.38 13.34
C GLU B 13 -27.43 -26.34 14.52
N ASP B 14 -26.60 -27.37 14.65
CA ASP B 14 -25.61 -27.41 15.72
C ASP B 14 -24.47 -26.42 15.46
N LEU B 15 -24.14 -26.21 14.19
CA LEU B 15 -23.11 -25.24 13.82
C LEU B 15 -23.65 -23.84 13.55
N ALA B 16 -24.96 -23.73 13.38
CA ALA B 16 -25.56 -22.50 12.88
C ALA B 16 -25.56 -21.41 13.95
N GLY B 17 -25.35 -21.78 15.20
CA GLY B 17 -25.33 -20.83 16.29
C GLY B 17 -23.95 -20.26 16.53
N MSE B 18 -22.95 -20.89 15.92
CA MSE B 18 -21.58 -20.43 16.03
C MSE B 18 -21.41 -19.03 15.42
O MSE B 18 -22.09 -18.68 14.46
CB MSE B 18 -20.62 -21.43 15.40
CG MSE B 18 -20.70 -22.82 16.02
SE MSE B 18 -20.28 -22.83 17.93
CE MSE B 18 -20.98 -24.59 18.38
N ASP B 19 -20.51 -18.25 15.98
CA ASP B 19 -20.31 -16.89 15.54
C ASP B 19 -19.86 -16.89 14.09
N VAL B 20 -18.86 -17.71 13.80
CA VAL B 20 -18.14 -17.65 12.54
C VAL B 20 -19.00 -18.07 11.33
N PHE B 21 -20.05 -18.86 11.60
CA PHE B 21 -20.95 -19.35 10.55
C PHE B 21 -22.22 -18.52 10.36
N GLN B 22 -22.39 -17.46 11.15
CA GLN B 22 -23.47 -16.53 10.87
C GLN B 22 -22.88 -15.56 9.85
N GLY B 23 -23.60 -15.22 8.78
CA GLY B 23 -24.95 -15.63 8.43
C GLY B 23 -25.06 -16.71 7.37
N CYS B 24 -24.06 -17.58 7.25
CA CYS B 24 -23.92 -18.54 6.15
C CYS B 24 -25.16 -19.39 5.79
N PRO B 25 -25.35 -19.66 4.49
CA PRO B 25 -26.41 -20.53 3.96
C PRO B 25 -26.13 -21.99 4.33
N ALA B 26 -27.17 -22.70 4.77
CA ALA B 26 -27.01 -24.03 5.34
C ALA B 26 -26.23 -25.00 4.47
N GLU B 27 -26.46 -24.96 3.16
CA GLU B 27 -25.87 -25.94 2.24
C GLU B 27 -24.33 -25.97 2.30
N GLY B 28 -23.73 -24.88 2.75
CA GLY B 28 -22.29 -24.78 2.83
C GLY B 28 -21.70 -25.26 4.15
N LEU B 29 -22.57 -25.50 5.12
CA LEU B 29 -22.14 -26.08 6.39
C LEU B 29 -22.19 -27.62 6.44
N VAL B 30 -22.87 -28.23 5.47
CA VAL B 30 -23.24 -29.64 5.56
C VAL B 30 -22.08 -30.63 5.72
N SER B 31 -21.14 -30.61 4.79
CA SER B 31 -19.96 -31.44 4.90
C SER B 31 -19.35 -31.25 6.29
N LEU B 32 -19.22 -30.00 6.71
CA LEU B 32 -18.57 -29.70 7.98
C LEU B 32 -19.31 -30.35 9.12
N ALA B 33 -20.65 -30.27 9.11
CA ALA B 33 -21.44 -30.85 10.19
C ALA B 33 -21.23 -32.36 10.20
N ALA B 34 -21.03 -32.93 9.02
CA ALA B 34 -20.82 -34.36 8.92
C ALA B 34 -19.41 -34.74 9.36
N SER B 35 -18.51 -33.77 9.37
CA SER B 35 -17.10 -34.02 9.68
C SER B 35 -16.63 -33.73 11.11
N VAL B 36 -17.49 -33.24 11.99
CA VAL B 36 -17.03 -32.90 13.35
C VAL B 36 -17.58 -33.85 14.40
N GLN B 37 -16.83 -34.02 15.47
CA GLN B 37 -17.20 -34.98 16.51
C GLN B 37 -17.55 -34.23 17.77
N PRO B 38 -18.40 -34.84 18.60
CA PRO B 38 -18.82 -34.16 19.81
C PRO B 38 -17.65 -34.10 20.76
N LEU B 39 -17.67 -33.12 21.64
CA LEU B 39 -16.74 -33.08 22.74
C LEU B 39 -17.52 -32.72 24.00
N ARG B 40 -17.27 -33.49 25.06
CA ARG B 40 -17.72 -33.15 26.39
C ARG B 40 -16.49 -33.18 27.27
N ALA B 41 -16.42 -32.26 28.23
CA ALA B 41 -15.23 -32.13 29.06
C ALA B 41 -15.60 -31.78 30.51
N ALA B 42 -14.83 -32.30 31.45
CA ALA B 42 -15.03 -31.97 32.84
C ALA B 42 -14.48 -30.58 33.10
N ALA B 43 -15.02 -29.89 34.10
CA ALA B 43 -14.39 -28.65 34.54
C ALA B 43 -12.94 -28.99 34.83
N GLY B 44 -12.03 -28.09 34.46
CA GLY B 44 -10.63 -28.25 34.83
C GLY B 44 -9.80 -29.08 33.88
N GLN B 45 -10.37 -29.45 32.73
CA GLN B 45 -9.64 -30.20 31.71
CA GLN B 45 -9.60 -30.19 31.73
C GLN B 45 -8.84 -29.27 30.78
N VAL B 46 -7.65 -29.70 30.38
CA VAL B 46 -6.83 -28.96 29.43
C VAL B 46 -7.12 -29.41 28.01
N LEU B 47 -7.69 -28.52 27.20
CA LEU B 47 -7.97 -28.82 25.80
C LEU B 47 -6.74 -28.67 24.90
N LEU B 48 -5.98 -27.61 25.12
CA LEU B 48 -4.78 -27.34 24.34
C LEU B 48 -3.71 -26.79 25.27
N ARG B 49 -2.45 -26.99 24.91
CA ARG B 49 -1.31 -26.50 25.67
C ARG B 49 -0.43 -25.61 24.80
N GLN B 50 -0.04 -24.48 25.36
CA GLN B 50 0.84 -23.57 24.64
C GLN B 50 2.13 -24.31 24.29
N GLY B 51 2.55 -24.19 23.04
CA GLY B 51 3.77 -24.81 22.58
C GLY B 51 3.59 -26.06 21.74
N GLU B 52 2.43 -26.70 21.84
CA GLU B 52 2.18 -27.98 21.13
C GLU B 52 1.92 -27.83 19.63
N PRO B 53 2.35 -28.84 18.87
CA PRO B 53 1.96 -28.85 17.46
C PRO B 53 0.45 -28.98 17.41
N ALA B 54 -0.20 -28.34 16.44
CA ALA B 54 -1.67 -28.25 16.45
C ALA B 54 -2.29 -29.16 15.40
N VAL B 55 -3.43 -29.77 15.73
CA VAL B 55 -4.15 -30.57 14.74
C VAL B 55 -5.63 -30.24 14.64
N SER B 56 -6.37 -30.51 15.71
CA SER B 56 -7.79 -30.30 15.70
C SER B 56 -8.14 -28.84 15.97
N PHE B 57 -9.43 -28.56 15.92
CA PHE B 57 -9.95 -27.28 16.39
C PHE B 57 -11.25 -27.59 17.10
N LEU B 58 -11.78 -26.62 17.83
CA LEU B 58 -12.99 -26.86 18.61
C LEU B 58 -13.95 -25.71 18.51
N LEU B 59 -15.21 -26.04 18.22
CA LEU B 59 -16.28 -25.07 18.21
C LEU B 59 -17.08 -25.26 19.50
N ILE B 60 -17.26 -24.20 20.28
CA ILE B 60 -17.80 -24.32 21.63
C ILE B 60 -19.32 -24.20 21.65
N SER B 61 -19.99 -25.28 22.02
CA SER B 61 -21.45 -25.27 22.22
C SER B 61 -21.93 -24.75 23.59
N SER B 62 -21.23 -25.16 24.65
CA SER B 62 -21.59 -24.80 26.01
C SER B 62 -20.38 -24.88 26.95
N GLY B 63 -20.48 -24.22 28.11
CA GLY B 63 -19.39 -24.17 29.07
C GLY B 63 -18.39 -23.09 28.67
N SER B 64 -17.39 -22.84 29.51
CA SER B 64 -16.36 -21.88 29.17
C SER B 64 -14.97 -22.41 29.51
N ALA B 65 -13.96 -21.81 28.90
CA ALA B 65 -12.57 -22.19 29.14
C ALA B 65 -11.68 -20.96 29.28
N GLU B 66 -10.64 -21.07 30.10
CA GLU B 66 -9.63 -20.02 30.25
C GLU B 66 -8.53 -20.16 29.21
N VAL B 67 -8.04 -19.04 28.73
CA VAL B 67 -7.00 -19.01 27.72
C VAL B 67 -5.80 -18.31 28.33
N SER B 68 -4.70 -19.01 28.47
CA SER B 68 -3.55 -18.40 29.12
C SER B 68 -2.35 -18.44 28.22
N HIS B 69 -1.67 -17.32 28.12
CA HIS B 69 -0.51 -17.25 27.26
C HIS B 69 0.63 -16.75 28.10
N VAL B 70 1.83 -17.21 27.79
CA VAL B 70 3.00 -16.68 28.46
C VAL B 70 3.92 -16.02 27.47
N GLY B 71 4.01 -14.70 27.56
CA GLY B 71 4.90 -13.94 26.72
C GLY B 71 6.30 -14.42 27.06
N ASP B 72 7.21 -14.31 26.10
CA ASP B 72 8.55 -14.80 26.33
C ASP B 72 8.95 -14.23 27.68
N ASP B 73 8.82 -12.91 27.81
CA ASP B 73 9.14 -12.23 29.05
C ASP B 73 7.99 -11.40 29.60
N GLY B 74 7.67 -11.62 30.87
CA GLY B 74 7.88 -12.91 31.49
C GLY B 74 6.49 -13.47 31.78
N VAL B 75 5.49 -12.76 31.29
CA VAL B 75 4.18 -12.75 31.92
C VAL B 75 3.10 -13.57 31.23
N ALA B 76 1.92 -13.59 31.83
CA ALA B 76 0.82 -14.43 31.34
C ALA B 76 -0.44 -13.61 31.09
N ILE B 77 -0.84 -13.52 29.83
CA ILE B 77 -2.08 -12.87 29.46
C ILE B 77 -3.23 -13.86 29.59
N ILE B 78 -4.33 -13.44 30.21
CA ILE B 78 -5.47 -14.32 30.38
C ILE B 78 -6.68 -13.81 29.62
N ALA B 79 -7.47 -14.74 29.09
CA ALA B 79 -8.67 -14.43 28.34
C ALA B 79 -9.67 -15.59 28.50
N ARG B 80 -10.85 -15.46 27.90
CA ARG B 80 -11.89 -16.47 28.03
C ARG B 80 -12.39 -17.00 26.67
N ALA B 81 -12.77 -18.27 26.63
CA ALA B 81 -13.37 -18.85 25.43
C ALA B 81 -14.81 -19.25 25.73
N LEU B 82 -15.74 -18.76 24.92
CA LEU B 82 -17.14 -18.93 25.29
C LEU B 82 -18.00 -19.53 24.18
N PRO B 83 -19.27 -19.81 24.50
CA PRO B 83 -20.18 -20.41 23.54
C PRO B 83 -20.33 -19.57 22.29
N GLY B 84 -20.37 -20.24 21.14
CA GLY B 84 -20.45 -19.55 19.88
C GLY B 84 -19.06 -19.33 19.31
N MSE B 85 -18.05 -19.64 20.10
CA MSE B 85 -16.66 -19.38 19.70
C MSE B 85 -15.92 -20.63 19.25
O MSE B 85 -16.14 -21.74 19.74
CB MSE B 85 -15.88 -18.72 20.84
CG MSE B 85 -16.33 -17.33 21.19
SE MSE B 85 -15.04 -16.48 22.41
CE MSE B 85 -16.05 -14.87 22.79
N ILE B 86 -15.02 -20.43 18.29
CA ILE B 86 -14.09 -21.46 17.87
C ILE B 86 -12.78 -21.29 18.62
N VAL B 87 -12.14 -22.41 18.91
CA VAL B 87 -10.83 -22.41 19.57
C VAL B 87 -9.90 -23.37 18.81
N GLY B 88 -8.60 -23.12 18.92
CA GLY B 88 -7.61 -23.97 18.27
C GLY B 88 -7.39 -23.63 16.80
N GLU B 89 -8.00 -22.54 16.35
CA GLU B 89 -7.91 -22.15 14.94
C GLU B 89 -6.60 -21.47 14.55
N ILE B 90 -6.01 -20.72 15.48
CA ILE B 90 -4.90 -19.86 15.11
C ILE B 90 -3.67 -20.65 14.66
N ALA B 91 -3.26 -21.60 15.48
CA ALA B 91 -2.11 -22.43 15.10
C ALA B 91 -2.34 -23.09 13.72
N LEU B 92 -3.60 -23.33 13.37
CA LEU B 92 -3.94 -23.92 12.09
C LEU B 92 -3.87 -22.86 11.00
N LEU B 93 -4.19 -21.62 11.38
CA LEU B 93 -4.12 -20.52 10.44
C LEU B 93 -2.67 -20.30 10.02
N ARG B 94 -1.78 -20.14 10.99
CA ARG B 94 -0.40 -19.79 10.69
C ARG B 94 0.58 -20.95 10.60
N ASP B 95 0.09 -22.17 10.70
CA ASP B 95 0.97 -23.33 10.80
C ASP B 95 2.03 -23.06 11.86
N SER B 96 1.58 -22.97 13.10
CA SER B 96 2.43 -22.68 14.22
C SER B 96 2.05 -23.60 15.38
N PRO B 97 2.91 -23.69 16.39
CA PRO B 97 2.55 -24.29 17.68
C PRO B 97 1.41 -23.52 18.34
N ARG B 98 0.76 -24.14 19.31
CA ARG B 98 -0.35 -23.52 20.02
C ARG B 98 0.05 -22.21 20.72
N SER B 99 -0.76 -21.18 20.53
CA SER B 99 -0.44 -19.86 21.05
C SER B 99 -0.73 -19.71 22.54
N ALA B 100 -1.54 -20.61 23.09
CA ALA B 100 -2.00 -20.46 24.46
C ALA B 100 -2.45 -21.80 25.02
N THR B 101 -2.58 -21.87 26.33
CA THR B 101 -3.18 -23.02 26.97
C THR B 101 -4.65 -22.72 27.25
N VAL B 102 -5.52 -23.69 26.93
CA VAL B 102 -6.93 -23.54 27.17
C VAL B 102 -7.42 -24.58 28.18
N THR B 103 -8.17 -24.13 29.18
CA THR B 103 -8.59 -25.03 30.24
C THR B 103 -10.05 -24.82 30.62
N THR B 104 -10.82 -25.90 30.58
CA THR B 104 -12.22 -25.81 30.94
C THR B 104 -12.43 -25.19 32.30
N ILE B 105 -13.30 -24.18 32.38
CA ILE B 105 -13.70 -23.66 33.67
C ILE B 105 -14.94 -24.38 34.17
N GLU B 106 -16.07 -24.16 33.48
CA GLU B 106 -17.28 -24.93 33.73
C GLU B 106 -17.24 -26.15 32.80
N PRO B 107 -17.93 -27.23 33.18
CA PRO B 107 -18.06 -28.38 32.28
C PRO B 107 -18.49 -27.90 30.90
N LEU B 108 -17.95 -28.50 29.85
CA LEU B 108 -17.90 -27.89 28.52
C LEU B 108 -18.24 -28.88 27.39
N THR B 109 -19.05 -28.44 26.42
CA THR B 109 -19.35 -29.26 25.24
C THR B 109 -19.22 -28.50 23.93
N GLY B 110 -18.93 -29.21 22.86
CA GLY B 110 -18.73 -28.59 21.56
C GLY B 110 -18.48 -29.57 20.43
N TRP B 111 -17.89 -29.08 19.35
CA TRP B 111 -17.60 -29.90 18.18
C TRP B 111 -16.17 -29.69 17.74
N THR B 112 -15.48 -30.79 17.43
CA THR B 112 -14.08 -30.73 17.06
C THR B 112 -13.89 -31.25 15.66
N GLY B 113 -12.82 -30.80 15.00
CA GLY B 113 -12.44 -31.34 13.71
C GLY B 113 -10.95 -31.18 13.43
N GLY B 114 -10.43 -32.05 12.58
CA GLY B 114 -9.01 -32.05 12.27
C GLY B 114 -8.71 -31.18 11.08
N ARG B 115 -7.54 -31.37 10.49
CA ARG B 115 -7.07 -30.53 9.39
C ARG B 115 -7.99 -30.60 8.18
N GLY B 116 -8.53 -31.77 7.88
CA GLY B 116 -9.45 -31.90 6.76
C GLY B 116 -10.68 -31.03 6.97
N ALA B 117 -11.33 -31.22 8.10
CA ALA B 117 -12.48 -30.39 8.46
C ALA B 117 -12.12 -28.92 8.38
N PHE B 118 -10.93 -28.60 8.87
CA PHE B 118 -10.48 -27.21 8.90
C PHE B 118 -10.44 -26.65 7.48
N ALA B 119 -9.75 -27.36 6.60
CA ALA B 119 -9.62 -26.93 5.22
C ALA B 119 -10.98 -26.75 4.57
N THR B 120 -11.94 -27.64 4.84
CA THR B 120 -13.26 -27.42 4.25
C THR B 120 -13.94 -26.20 4.88
N MSE B 121 -13.64 -25.93 6.14
CA MSE B 121 -14.26 -24.80 6.81
C MSE B 121 -13.75 -23.45 6.31
O MSE B 121 -14.55 -22.53 6.07
CB MSE B 121 -14.07 -24.91 8.33
CG MSE B 121 -14.59 -23.70 9.08
SE MSE B 121 -14.29 -23.87 11.00
CE MSE B 121 -12.47 -24.57 10.93
N VAL B 122 -12.45 -23.30 6.15
CA VAL B 122 -11.87 -22.06 5.60
C VAL B 122 -12.38 -21.80 4.19
N HIS B 123 -12.83 -22.86 3.52
CA HIS B 123 -13.30 -22.74 2.15
C HIS B 123 -14.79 -22.43 2.05
N ILE B 124 -15.49 -22.49 3.18
CA ILE B 124 -16.84 -21.94 3.21
C ILE B 124 -16.71 -20.45 2.89
N PRO B 125 -17.50 -19.96 1.92
CA PRO B 125 -17.28 -18.58 1.50
C PRO B 125 -17.44 -17.59 2.66
N GLY B 126 -16.44 -16.73 2.84
CA GLY B 126 -16.49 -15.70 3.86
C GLY B 126 -16.11 -16.14 5.26
N VAL B 127 -15.94 -17.45 5.48
CA VAL B 127 -15.61 -17.90 6.81
C VAL B 127 -14.12 -17.68 7.13
N GLY B 128 -13.25 -18.00 6.19
CA GLY B 128 -11.83 -17.78 6.37
C GLY B 128 -11.51 -16.34 6.78
N GLU B 129 -12.17 -15.39 6.12
CA GLU B 129 -11.99 -13.98 6.43
C GLU B 129 -12.27 -13.68 7.90
N ARG B 130 -13.47 -14.03 8.35
CA ARG B 130 -13.82 -13.88 9.76
C ARG B 130 -12.78 -14.54 10.66
N LEU B 131 -12.38 -15.76 10.31
CA LEU B 131 -11.40 -16.51 11.09
C LEU B 131 -10.11 -15.74 11.27
N LEU B 132 -9.63 -15.13 10.19
CA LEU B 132 -8.39 -14.35 10.22
C LEU B 132 -8.55 -13.09 11.06
N ARG B 133 -9.67 -12.42 10.90
CA ARG B 133 -9.91 -11.17 11.62
C ARG B 133 -9.88 -11.43 13.13
N THR B 134 -10.64 -12.44 13.54
CA THR B 134 -10.72 -12.76 14.96
C THR B 134 -9.37 -13.29 15.42
N ALA B 135 -8.66 -13.96 14.51
CA ALA B 135 -7.31 -14.41 14.84
C ALA B 135 -6.39 -13.22 15.16
N ARG B 136 -6.56 -12.10 14.46
CA ARG B 136 -5.77 -10.91 14.78
C ARG B 136 -6.25 -10.22 16.07
N GLN B 137 -7.56 -10.09 16.26
CA GLN B 137 -8.04 -9.53 17.52
C GLN B 137 -7.42 -10.31 18.69
N ARG B 138 -7.42 -11.64 18.57
CA ARG B 138 -6.87 -12.50 19.62
C ARG B 138 -5.36 -12.35 19.77
N LEU B 139 -4.64 -12.49 18.67
CA LEU B 139 -3.19 -12.42 18.70
C LEU B 139 -2.72 -11.08 19.23
N ALA B 140 -3.54 -10.05 19.03
CA ALA B 140 -3.15 -8.69 19.39
C ALA B 140 -2.82 -8.53 20.88
N ALA B 141 -3.44 -9.33 21.73
CA ALA B 141 -3.24 -9.15 23.16
C ALA B 141 -1.96 -9.82 23.64
N PHE B 142 -1.25 -10.47 22.73
CA PHE B 142 -0.03 -11.18 23.11
C PHE B 142 1.22 -10.36 22.86
N VAL B 143 1.05 -9.17 22.28
CA VAL B 143 2.19 -8.38 21.86
C VAL B 143 2.71 -7.52 23.00
N SER B 144 4.03 -7.38 23.08
CA SER B 144 4.64 -6.64 24.17
C SER B 144 4.43 -5.13 24.02
N PRO B 145 3.69 -4.53 24.95
CA PRO B 145 3.39 -3.10 24.86
C PRO B 145 4.68 -2.29 24.78
N ILE B 146 4.63 -1.13 24.13
CA ILE B 146 5.78 -0.24 24.04
C ILE B 146 5.76 0.80 25.16
N PRO B 147 6.81 0.82 25.98
CA PRO B 147 6.90 1.86 27.00
C PRO B 147 7.05 3.19 26.32
N VAL B 148 6.34 4.18 26.84
CA VAL B 148 6.35 5.53 26.29
C VAL B 148 6.44 6.54 27.42
N ARG B 149 7.45 7.40 27.38
CA ARG B 149 7.63 8.39 28.44
C ARG B 149 7.38 9.80 27.92
N LEU B 150 6.44 10.48 28.54
CA LEU B 150 6.15 11.87 28.19
C LEU B 150 7.28 12.79 28.63
N ALA B 151 7.39 13.95 27.98
CA ALA B 151 8.43 14.90 28.30
C ALA B 151 8.44 15.14 29.80
N ASP B 152 7.25 15.20 30.39
CA ASP B 152 7.10 15.53 31.80
C ASP B 152 7.32 14.34 32.73
N GLY B 153 7.58 13.18 32.16
CA GLY B 153 8.02 12.04 32.94
C GLY B 153 6.99 10.97 33.23
N THR B 154 5.73 11.23 32.88
CA THR B 154 4.69 10.23 33.05
C THR B 154 5.00 9.04 32.15
N GLN B 155 4.77 7.84 32.66
CA GLN B 155 5.07 6.62 31.91
C GLN B 155 3.79 5.88 31.51
N LEU B 156 3.59 5.72 30.22
CA LEU B 156 2.40 5.04 29.71
C LEU B 156 2.80 3.93 28.76
N MSE B 157 1.82 3.18 28.25
CA MSE B 157 2.11 2.11 27.30
C MSE B 157 1.33 2.24 26.00
O MSE B 157 0.13 2.53 26.02
CB MSE B 157 1.78 0.74 27.92
CG MSE B 157 2.40 0.44 29.30
SE MSE B 157 4.34 0.27 29.30
CE MSE B 157 4.55 -1.17 28.02
N LEU B 158 1.99 2.00 24.88
CA LEU B 158 1.32 1.97 23.58
C LEU B 158 1.14 0.53 23.13
N ARG B 159 -0.09 0.18 22.76
CA ARG B 159 -0.38 -1.15 22.21
C ARG B 159 -1.60 -1.04 21.31
N PRO B 160 -1.98 -2.15 20.66
CA PRO B 160 -3.22 -2.15 19.88
C PRO B 160 -4.44 -2.16 20.77
N VAL B 161 -5.57 -1.75 20.20
CA VAL B 161 -6.83 -1.84 20.89
C VAL B 161 -7.19 -3.29 21.02
N LEU B 162 -7.89 -3.63 22.09
CA LEU B 162 -8.43 -4.95 22.28
C LEU B 162 -9.90 -4.76 22.50
N PRO B 163 -10.71 -5.71 22.07
CA PRO B 163 -12.15 -5.46 22.26
C PRO B 163 -12.48 -5.03 23.69
N GLY B 164 -11.82 -5.66 24.66
CA GLY B 164 -12.13 -5.44 26.06
C GLY B 164 -11.92 -4.01 26.48
N ASP B 165 -11.08 -3.32 25.72
CA ASP B 165 -10.83 -1.91 25.95
C ASP B 165 -12.12 -1.14 26.13
N ARG B 166 -13.14 -1.47 25.34
CA ARG B 166 -14.42 -0.77 25.48
C ARG B 166 -14.92 -0.86 26.92
N GLU B 167 -15.02 -2.10 27.41
CA GLU B 167 -15.38 -2.33 28.81
C GLU B 167 -14.50 -1.46 29.67
N ARG B 168 -13.19 -1.60 29.47
CA ARG B 168 -12.23 -0.88 30.28
C ARG B 168 -12.57 0.59 30.36
N THR B 169 -12.87 1.22 29.23
CA THR B 169 -13.03 2.67 29.29
C THR B 169 -14.38 3.01 29.89
N VAL B 170 -15.37 2.16 29.60
CA VAL B 170 -16.71 2.44 30.06
C VAL B 170 -16.77 2.42 31.57
N HIS B 171 -16.31 1.32 32.17
CA HIS B 171 -16.48 1.13 33.60
C HIS B 171 -15.26 1.56 34.41
N GLY B 172 -14.26 2.12 33.72
CA GLY B 172 -13.02 2.52 34.35
C GLY B 172 -13.03 3.87 35.04
N HIS B 173 -11.89 4.25 35.62
CA HIS B 173 -11.81 5.47 36.41
C HIS B 173 -11.27 6.69 35.66
N ILE B 174 -10.87 6.53 34.40
CA ILE B 174 -10.33 7.64 33.61
C ILE B 174 -11.44 8.42 32.93
N GLN B 175 -11.35 9.75 32.98
CA GLN B 175 -12.47 10.58 32.54
C GLN B 175 -12.33 11.26 31.17
N PHE B 176 -13.35 11.08 30.34
CA PHE B 176 -13.47 11.78 29.07
C PHE B 176 -14.69 12.71 29.19
N SER B 177 -14.42 14.02 29.16
CA SER B 177 -15.30 15.03 29.74
C SER B 177 -16.72 15.12 29.18
N GLY B 178 -16.87 14.92 27.88
CA GLY B 178 -18.13 15.18 27.23
C GLY B 178 -18.03 16.49 26.48
N GLU B 179 -17.07 17.31 26.91
CA GLU B 179 -16.57 18.39 26.06
C GLU B 179 -15.62 17.70 25.11
N THR B 180 -14.84 16.79 25.67
CA THR B 180 -13.96 15.94 24.89
C THR B 180 -14.78 15.12 23.92
N LEU B 181 -15.86 14.54 24.42
CA LEU B 181 -16.75 13.74 23.59
C LEU B 181 -17.36 14.54 22.44
N TYR B 182 -17.66 15.82 22.66
CA TYR B 182 -18.19 16.64 21.58
C TYR B 182 -17.10 17.01 20.57
N ARG B 183 -15.94 17.42 21.08
CA ARG B 183 -14.78 17.70 20.24
C ARG B 183 -14.51 16.52 19.30
N ARG B 184 -14.70 15.31 19.83
CA ARG B 184 -14.38 14.08 19.13
C ARG B 184 -15.49 13.62 18.18
N PHE B 185 -16.64 13.28 18.76
CA PHE B 185 -17.79 12.75 18.02
C PHE B 185 -18.84 13.81 17.65
N MSE B 186 -18.56 15.06 17.97
CA MSE B 186 -19.51 16.15 17.74
C MSE B 186 -20.81 15.96 18.53
O MSE B 186 -21.87 16.49 18.16
CB MSE B 186 -19.84 16.27 16.25
CG MSE B 186 -20.65 17.50 15.90
SE MSE B 186 -20.79 17.79 13.98
CE MSE B 186 -18.96 17.27 13.47
N SER B 187 -20.72 15.19 19.60
CA SER B 187 -21.79 15.11 20.57
C SER B 187 -21.24 14.97 21.98
N ALA B 188 -21.81 15.76 22.90
CA ALA B 188 -21.37 15.73 24.29
C ALA B 188 -21.84 14.47 25.01
N ARG B 189 -22.78 13.76 24.40
CA ARG B 189 -23.33 12.54 25.00
C ARG B 189 -22.33 11.39 25.06
N VAL B 190 -22.49 10.54 26.07
CA VAL B 190 -21.68 9.33 26.17
C VAL B 190 -22.14 8.35 25.09
N PRO B 191 -21.16 7.75 24.38
CA PRO B 191 -21.33 6.91 23.18
C PRO B 191 -22.25 5.70 23.36
N SER B 192 -23.14 5.48 22.40
CA SER B 192 -24.03 4.31 22.42
C SER B 192 -23.21 3.03 22.37
N PRO B 193 -23.72 1.96 22.99
CA PRO B 193 -23.02 0.68 23.03
C PRO B 193 -22.51 0.28 21.64
N ALA B 194 -23.34 0.46 20.61
CA ALA B 194 -22.94 0.16 19.25
C ALA B 194 -21.63 0.88 18.94
N LEU B 195 -21.62 2.20 19.15
CA LEU B 195 -20.46 3.01 18.86
C LEU B 195 -19.23 2.40 19.48
N MSE B 196 -19.36 2.04 20.75
CA MSE B 196 -18.27 1.45 21.49
C MSE B 196 -17.77 0.19 20.80
O MSE B 196 -16.58 0.04 20.60
CB MSE B 196 -18.71 1.15 22.91
CG MSE B 196 -19.08 2.38 23.72
SE MSE B 196 -17.63 3.69 23.70
CE MSE B 196 -16.12 2.56 24.25
N HIS B 197 -18.69 -0.70 20.45
CA HIS B 197 -18.30 -1.91 19.73
C HIS B 197 -17.53 -1.59 18.45
N TYR B 198 -18.06 -0.63 17.69
CA TYR B 198 -17.44 -0.22 16.44
C TYR B 198 -16.01 0.27 16.67
N LEU B 199 -15.83 0.99 17.78
CA LEU B 199 -14.55 1.61 18.07
C LEU B 199 -13.54 0.59 18.55
N SER B 200 -14.01 -0.36 19.35
CA SER B 200 -13.15 -1.41 19.93
C SER B 200 -12.81 -2.65 19.08
N GLU B 201 -13.70 -3.07 18.20
CA GLU B 201 -13.51 -4.34 17.48
C GLU B 201 -13.14 -4.16 16.01
N VAL B 202 -11.88 -4.47 15.69
CA VAL B 202 -11.33 -4.09 14.39
C VAL B 202 -10.46 -5.20 13.76
N ASP B 203 -10.21 -5.08 12.46
CA ASP B 203 -9.41 -6.08 11.76
C ASP B 203 -7.94 -5.70 11.61
N TYR B 204 -7.59 -4.50 12.07
CA TYR B 204 -6.21 -4.04 12.04
C TYR B 204 -5.66 -3.82 10.64
N VAL B 205 -6.42 -4.23 9.62
CA VAL B 205 -6.02 -4.03 8.24
C VAL B 205 -6.78 -2.84 7.66
N ASP B 206 -8.10 -2.99 7.53
CA ASP B 206 -8.96 -1.88 7.13
C ASP B 206 -9.05 -0.80 8.20
N HIS B 207 -9.27 -1.22 9.44
CA HIS B 207 -9.46 -0.32 10.56
C HIS B 207 -8.43 -0.65 11.64
N PHE B 208 -7.52 0.28 11.90
CA PHE B 208 -6.46 0.04 12.88
C PHE B 208 -6.52 1.03 14.03
N VAL B 209 -6.37 0.51 15.25
CA VAL B 209 -6.41 1.33 16.44
C VAL B 209 -5.20 1.14 17.34
N TRP B 210 -4.51 2.25 17.61
CA TRP B 210 -3.53 2.34 18.68
C TRP B 210 -4.24 2.83 19.93
N VAL B 211 -3.89 2.24 21.06
CA VAL B 211 -4.35 2.71 22.35
C VAL B 211 -3.14 2.98 23.25
N VAL B 212 -3.24 4.06 24.05
CA VAL B 212 -2.26 4.35 25.07
C VAL B 212 -2.88 4.23 26.46
N THR B 213 -2.16 3.58 27.37
CA THR B 213 -2.66 3.26 28.71
C THR B 213 -1.80 3.81 29.85
N ASP B 214 -2.42 3.88 31.03
CA ASP B 214 -1.75 4.27 32.27
C ASP B 214 -1.04 3.05 32.81
N GLY B 215 -1.15 1.97 32.06
CA GLY B 215 -0.63 0.66 32.42
C GLY B 215 -1.76 -0.28 32.73
N SER B 216 -2.95 0.27 32.92
CA SER B 216 -4.14 -0.54 33.09
C SER B 216 -5.25 -0.07 32.18
N ASP B 217 -5.75 1.12 32.46
CA ASP B 217 -6.84 1.70 31.68
C ASP B 217 -6.28 2.51 30.53
N PRO B 218 -6.98 2.51 29.39
CA PRO B 218 -6.59 3.39 28.28
C PRO B 218 -6.79 4.86 28.65
N VAL B 219 -5.76 5.69 28.48
CA VAL B 219 -5.95 7.13 28.54
C VAL B 219 -6.03 7.80 27.17
N ALA B 220 -5.79 7.06 26.08
CA ALA B 220 -6.03 7.65 24.75
C ALA B 220 -6.04 6.66 23.60
N ASP B 221 -6.33 7.14 22.40
CA ASP B 221 -6.30 6.31 21.20
C ASP B 221 -6.12 7.11 19.90
N ALA B 222 -5.64 6.41 18.88
CA ALA B 222 -5.49 6.96 17.53
C ALA B 222 -5.91 5.86 16.55
N ARG B 223 -6.74 6.19 15.58
CA ARG B 223 -7.23 5.15 14.69
C ARG B 223 -7.26 5.62 13.24
N PHE B 224 -7.19 4.68 12.32
CA PHE B 224 -7.48 4.99 10.93
C PHE B 224 -8.44 3.98 10.31
N VAL B 225 -9.25 4.45 9.37
CA VAL B 225 -10.19 3.60 8.65
C VAL B 225 -10.05 3.85 7.15
N ARG B 226 -9.66 2.79 6.44
CA ARG B 226 -9.45 2.84 4.99
C ARG B 226 -10.71 3.27 4.25
N ASP B 227 -10.54 3.99 3.15
CA ASP B 227 -11.69 4.42 2.36
C ASP B 227 -12.24 3.27 1.51
N GLU B 228 -13.56 3.07 1.57
CA GLU B 228 -14.21 2.03 0.76
C GLU B 228 -13.87 2.21 -0.71
N THR B 229 -14.04 3.44 -1.20
CA THR B 229 -13.72 3.78 -2.58
C THR B 229 -12.22 3.81 -2.87
N ASP B 230 -11.45 4.53 -2.05
CA ASP B 230 -10.00 4.49 -2.22
C ASP B 230 -9.23 3.93 -1.01
N PRO B 231 -8.64 2.74 -1.19
CA PRO B 231 -7.83 1.99 -0.22
C PRO B 231 -6.48 2.63 0.10
N THR B 232 -6.03 3.57 -0.73
CA THR B 232 -4.75 4.21 -0.51
C THR B 232 -4.91 5.30 0.55
N VAL B 233 -6.13 5.74 0.74
CA VAL B 233 -6.40 6.74 1.76
C VAL B 233 -7.17 6.13 2.94
N ALA B 234 -6.94 6.69 4.12
CA ALA B 234 -7.72 6.34 5.30
C ALA B 234 -7.98 7.59 6.12
N GLU B 235 -9.16 7.65 6.72
CA GLU B 235 -9.53 8.78 7.57
C GLU B 235 -9.06 8.49 8.99
N ILE B 236 -8.45 9.49 9.63
CA ILE B 236 -7.86 9.32 10.96
C ILE B 236 -8.59 10.04 12.09
N ALA B 237 -8.56 9.44 13.28
CA ALA B 237 -9.25 10.01 14.44
C ALA B 237 -8.46 9.83 15.73
N PHE B 238 -8.43 10.89 16.54
CA PHE B 238 -7.64 10.87 17.76
C PHE B 238 -8.51 11.21 18.97
N THR B 239 -8.24 10.60 20.11
CA THR B 239 -8.72 11.20 21.35
C THR B 239 -7.85 10.92 22.58
N VAL B 240 -7.70 11.93 23.43
CA VAL B 240 -6.91 11.79 24.66
C VAL B 240 -7.77 12.18 25.84
N ALA B 241 -7.70 11.41 26.92
CA ALA B 241 -8.44 11.73 28.14
C ALA B 241 -8.07 13.14 28.61
N ASP B 242 -9.03 13.84 29.20
CA ASP B 242 -8.83 15.23 29.59
C ASP B 242 -7.54 15.45 30.40
N ALA B 243 -7.38 14.68 31.46
CA ALA B 243 -6.21 14.76 32.32
C ALA B 243 -4.90 14.65 31.53
N TYR B 244 -4.94 13.91 30.43
CA TYR B 244 -3.73 13.68 29.66
C TYR B 244 -3.52 14.61 28.48
N GLN B 245 -4.42 15.58 28.31
CA GLN B 245 -4.33 16.47 27.16
C GLN B 245 -3.24 17.52 27.34
N GLY B 246 -2.61 17.89 26.24
CA GLY B 246 -1.63 18.96 26.23
C GLY B 246 -0.21 18.47 26.43
N ARG B 247 -0.06 17.16 26.58
CA ARG B 247 1.25 16.59 26.91
C ARG B 247 2.07 16.04 25.74
N GLY B 248 1.56 16.21 24.53
CA GLY B 248 2.24 15.75 23.33
C GLY B 248 1.77 14.38 22.90
N ILE B 249 0.84 13.83 23.68
CA ILE B 249 0.33 12.48 23.43
C ILE B 249 -0.12 12.32 21.98
N GLY B 250 -0.85 13.32 21.48
CA GLY B 250 -1.33 13.31 20.11
C GLY B 250 -0.22 13.40 19.08
N SER B 251 0.66 14.38 19.24
CA SER B 251 1.79 14.54 18.33
C SER B 251 2.55 13.21 18.16
N PHE B 252 2.61 12.43 19.23
CA PHE B 252 3.22 11.10 19.17
C PHE B 252 2.31 10.13 18.44
N LEU B 253 1.06 10.11 18.86
CA LEU B 253 0.09 9.19 18.28
C LEU B 253 0.11 9.27 16.78
N ILE B 254 0.09 10.48 16.22
CA ILE B 254 0.07 10.60 14.78
C ILE B 254 1.30 9.96 14.14
N GLY B 255 2.41 9.96 14.86
CA GLY B 255 3.58 9.23 14.42
C GLY B 255 3.31 7.73 14.37
N ALA B 256 2.80 7.22 15.49
CA ALA B 256 2.51 5.79 15.59
C ALA B 256 1.61 5.36 14.43
N LEU B 257 0.49 6.06 14.31
CA LEU B 257 -0.52 5.78 13.32
C LEU B 257 0.11 5.84 11.95
N SER B 258 1.05 6.77 11.78
CA SER B 258 1.70 6.93 10.49
C SER B 258 2.44 5.65 10.11
N VAL B 259 3.25 5.17 11.03
CA VAL B 259 4.02 3.95 10.79
C VAL B 259 3.11 2.75 10.48
N ALA B 260 2.06 2.58 11.29
CA ALA B 260 1.15 1.46 11.06
C ALA B 260 0.52 1.61 9.66
N ALA B 261 0.10 2.81 9.33
CA ALA B 261 -0.56 3.02 8.05
C ALA B 261 0.37 2.68 6.89
N ARG B 262 1.63 3.09 6.99
CA ARG B 262 2.65 2.72 6.02
C ARG B 262 2.64 1.20 5.87
N VAL B 263 2.71 0.51 7.00
CA VAL B 263 2.68 -0.95 6.99
C VAL B 263 1.44 -1.48 6.27
N ASP B 264 0.29 -0.82 6.48
CA ASP B 264 -0.99 -1.28 5.97
C ASP B 264 -1.21 -0.85 4.53
N GLY B 265 -0.23 -0.17 3.95
CA GLY B 265 -0.34 0.29 2.58
C GLY B 265 -1.28 1.47 2.42
N VAL B 266 -1.30 2.36 3.40
CA VAL B 266 -2.04 3.61 3.27
C VAL B 266 -1.09 4.74 2.87
N GLU B 267 -1.33 5.30 1.69
CA GLU B 267 -0.57 6.44 1.18
C GLU B 267 -1.03 7.79 1.72
N ARG B 268 -2.33 7.95 1.94
CA ARG B 268 -2.87 9.25 2.34
C ARG B 268 -3.78 9.24 3.58
N PHE B 269 -3.68 10.31 4.37
CA PHE B 269 -4.50 10.53 5.55
C PHE B 269 -5.53 11.62 5.31
N ALA B 270 -6.77 11.33 5.67
CA ALA B 270 -7.84 12.31 5.61
C ALA B 270 -8.23 12.70 7.04
N ALA B 271 -8.61 13.95 7.23
CA ALA B 271 -9.00 14.38 8.56
C ALA B 271 -10.07 15.46 8.54
N ARG B 272 -11.00 15.38 9.49
CA ARG B 272 -12.07 16.36 9.63
C ARG B 272 -12.14 16.86 11.07
N MSE B 273 -12.22 18.18 11.24
CA MSE B 273 -12.42 18.75 12.57
C MSE B 273 -13.45 19.86 12.60
O MSE B 273 -13.82 20.42 11.58
CB MSE B 273 -11.14 19.38 13.11
CG MSE B 273 -9.94 18.51 13.09
SE MSE B 273 -8.47 19.73 12.73
CE MSE B 273 -9.23 21.33 13.54
N LEU B 274 -13.86 20.17 13.81
CA LEU B 274 -14.54 21.41 14.06
C LEU B 274 -13.49 22.48 13.85
N SER B 275 -13.90 23.54 13.16
CA SER B 275 -13.00 24.60 12.74
C SER B 275 -12.24 25.21 13.90
N ASP B 276 -12.84 25.17 15.08
CA ASP B 276 -12.30 25.87 16.23
C ASP B 276 -11.40 24.99 17.08
N ASN B 277 -11.11 23.78 16.61
CA ASN B 277 -10.37 22.89 17.47
C ASN B 277 -8.93 23.13 17.13
N VAL B 278 -8.26 23.82 18.05
CA VAL B 278 -6.88 24.26 17.83
C VAL B 278 -5.77 23.19 17.83
N PRO B 279 -5.71 22.37 18.88
CA PRO B 279 -4.58 21.43 19.01
C PRO B 279 -4.48 20.45 17.82
N MSE B 280 -5.62 19.91 17.42
CA MSE B 280 -5.69 19.00 16.29
C MSE B 280 -5.22 19.71 15.03
O MSE B 280 -4.44 19.16 14.24
CB MSE B 280 -7.12 18.53 16.11
CG MSE B 280 -7.25 17.30 15.24
SE MSE B 280 -6.35 15.73 15.97
CE MSE B 280 -4.73 15.81 14.88
N ARG B 281 -5.70 20.94 14.85
CA ARG B 281 -5.39 21.71 13.66
C ARG B 281 -3.91 22.00 13.63
N THR B 282 -3.35 22.33 14.78
CA THR B 282 -1.93 22.58 14.93
C THR B 282 -1.13 21.35 14.53
N ILE B 283 -1.50 20.21 15.11
CA ILE B 283 -0.87 18.96 14.77
C ILE B 283 -0.83 18.80 13.27
N MSE B 284 -2.00 18.93 12.63
CA MSE B 284 -2.08 18.77 11.18
C MSE B 284 -1.20 19.79 10.45
O MSE B 284 -0.53 19.46 9.45
CB MSE B 284 -3.52 18.87 10.70
CG MSE B 284 -4.44 17.83 11.31
SE MSE B 284 -3.78 16.02 11.04
CE MSE B 284 -3.63 16.01 9.09
N ASP B 285 -1.21 21.03 10.94
CA ASP B 285 -0.48 22.13 10.35
C ASP B 285 0.98 21.73 10.27
N ARG B 286 1.43 21.03 11.30
CA ARG B 286 2.83 20.58 11.36
C ARG B 286 3.23 19.78 10.13
N TYR B 287 2.27 19.12 9.51
CA TYR B 287 2.50 18.34 8.30
C TYR B 287 2.18 19.05 7.00
N GLY B 288 1.80 20.32 7.10
CA GLY B 288 1.50 21.14 5.94
C GLY B 288 0.09 20.95 5.44
N ALA B 289 -0.82 20.60 6.34
CA ALA B 289 -2.21 20.46 5.96
C ALA B 289 -2.73 21.73 5.30
N VAL B 290 -3.48 21.58 4.22
CA VAL B 290 -4.18 22.71 3.62
C VAL B 290 -5.68 22.55 3.84
N TRP B 291 -6.32 23.62 4.28
CA TRP B 291 -7.66 23.53 4.87
C TRP B 291 -8.81 23.87 3.93
N GLN B 292 -9.93 23.18 4.14
CA GLN B 292 -11.06 23.23 3.24
C GLN B 292 -12.35 23.19 4.03
N ARG B 293 -13.35 23.98 3.65
CA ARG B 293 -14.60 23.92 4.38
C ARG B 293 -15.30 22.67 3.90
N GLU B 294 -15.53 21.73 4.80
CA GLU B 294 -16.41 20.60 4.54
C GLU B 294 -17.85 21.00 4.77
N ASP B 295 -18.07 21.86 5.77
CA ASP B 295 -19.43 22.29 6.11
C ASP B 295 -19.36 23.46 7.08
N VAL B 296 -20.53 23.95 7.50
CA VAL B 296 -20.57 24.98 8.52
C VAL B 296 -19.88 24.40 9.75
N GLY B 297 -18.86 25.10 10.24
CA GLY B 297 -18.16 24.68 11.44
C GLY B 297 -17.20 23.53 11.19
N VAL B 298 -17.27 22.92 10.00
CA VAL B 298 -16.41 21.78 9.71
C VAL B 298 -15.37 22.03 8.64
N ILE B 299 -14.11 21.78 8.99
CA ILE B 299 -13.00 21.87 8.05
C ILE B 299 -12.37 20.49 7.86
N THR B 300 -11.69 20.29 6.75
CA THR B 300 -11.08 19.00 6.43
C THR B 300 -9.75 19.18 5.71
N THR B 301 -8.96 18.11 5.68
CA THR B 301 -7.68 18.13 5.00
C THR B 301 -7.19 16.73 4.58
N MSE B 302 -6.23 16.72 3.66
CA MSE B 302 -5.62 15.52 3.17
C MSE B 302 -4.10 15.67 3.12
O MSE B 302 -3.59 16.66 2.60
CB MSE B 302 -6.12 15.23 1.77
CG MSE B 302 -5.48 14.00 1.17
SE MSE B 302 -6.63 12.46 1.35
CE MSE B 302 -7.50 12.63 -0.36
N ILE B 303 -3.38 14.68 3.65
CA ILE B 303 -1.92 14.69 3.57
C ILE B 303 -1.33 13.34 3.15
N ASP B 304 -0.21 13.37 2.44
CA ASP B 304 0.58 12.16 2.30
C ASP B 304 0.89 11.71 3.72
N VAL B 305 0.73 10.42 3.98
CA VAL B 305 1.08 9.85 5.27
C VAL B 305 2.56 10.10 5.52
N PRO B 306 2.90 10.72 6.67
CA PRO B 306 4.30 11.11 6.82
C PRO B 306 5.21 9.92 6.68
N GLY B 307 6.21 10.06 5.82
CA GLY B 307 7.13 9.00 5.53
C GLY B 307 8.49 9.29 6.14
N PRO B 308 9.54 8.66 5.59
CA PRO B 308 10.92 8.87 6.09
C PRO B 308 11.24 10.36 6.17
N GLY B 309 11.79 10.79 7.29
CA GLY B 309 12.24 12.16 7.45
C GLY B 309 11.21 13.11 8.01
N GLU B 310 9.96 12.66 8.06
CA GLU B 310 8.87 13.48 8.59
C GLU B 310 8.55 13.21 10.06
N LEU B 311 9.27 12.28 10.68
CA LEU B 311 8.87 11.80 12.01
C LEU B 311 9.67 12.39 13.17
N SER B 312 8.99 12.60 14.29
CA SER B 312 9.59 13.21 15.48
C SER B 312 10.10 12.16 16.47
N LEU B 313 10.01 10.90 16.10
CA LEU B 313 10.24 9.80 17.04
C LEU B 313 11.63 9.20 16.90
N GLY B 314 12.19 8.76 18.02
CA GLY B 314 13.49 8.13 18.01
C GLY B 314 13.53 7.02 16.97
N ARG B 315 14.69 6.84 16.35
CA ARG B 315 14.90 5.77 15.38
C ARG B 315 14.42 4.42 15.95
N GLU B 316 14.86 4.12 17.16
CA GLU B 316 14.44 2.91 17.85
C GLU B 316 12.93 2.90 18.03
N MSE B 317 12.38 3.95 18.62
CA MSE B 317 10.95 4.02 18.88
C MSE B 317 10.17 3.66 17.61
O MSE B 317 9.24 2.84 17.63
CB MSE B 317 10.54 5.42 19.35
CG MSE B 317 9.04 5.60 19.50
SE MSE B 317 8.19 4.23 20.60
CE MSE B 317 8.16 5.14 22.32
N VAL B 318 10.59 4.26 16.50
CA VAL B 318 9.99 3.99 15.20
C VAL B 318 10.08 2.50 14.87
N ASP B 319 11.24 1.90 15.12
CA ASP B 319 11.42 0.47 14.81
C ASP B 319 10.57 -0.47 15.68
N GLN B 320 10.48 -0.17 16.98
CA GLN B 320 9.61 -0.92 17.88
C GLN B 320 8.17 -0.87 17.38
N ILE B 321 7.71 0.37 17.17
CA ILE B 321 6.40 0.63 16.60
C ILE B 321 6.17 -0.21 15.34
N ASN B 322 7.19 -0.26 14.48
CA ASN B 322 7.12 -1.04 13.25
C ASN B 322 6.94 -2.53 13.50
N ARG B 323 7.79 -3.09 14.36
CA ARG B 323 7.71 -4.49 14.70
C ARG B 323 6.30 -4.81 15.16
N VAL B 324 5.81 -4.07 16.14
CA VAL B 324 4.47 -4.32 16.67
C VAL B 324 3.36 -4.26 15.59
N ALA B 325 3.34 -3.16 14.85
CA ALA B 325 2.39 -3.00 13.77
C ALA B 325 2.38 -4.21 12.82
N ARG B 326 3.56 -4.62 12.35
CA ARG B 326 3.65 -5.77 11.46
C ARG B 326 3.18 -7.05 12.17
N GLN B 327 3.53 -7.19 13.43
CA GLN B 327 3.12 -8.35 14.21
C GLN B 327 1.61 -8.48 14.17
N VAL B 328 0.91 -7.36 14.32
CA VAL B 328 -0.54 -7.43 14.37
C VAL B 328 -1.16 -7.61 13.00
N ILE B 329 -0.70 -6.84 12.02
CA ILE B 329 -1.29 -6.89 10.69
C ILE B 329 -0.99 -8.20 9.96
N GLU B 330 0.29 -8.55 9.89
CA GLU B 330 0.76 -9.68 9.09
C GLU B 330 0.67 -11.00 9.84
N ALA B 331 0.15 -10.97 11.06
CA ALA B 331 0.11 -12.15 11.92
C ALA B 331 -0.39 -13.38 11.16
N VAL B 332 -1.66 -13.37 10.77
CA VAL B 332 -2.26 -14.49 10.07
C VAL B 332 -2.36 -14.37 8.54
N GLY B 333 -1.96 -13.24 7.99
N GLY B 333 -1.89 -13.25 8.01
CA GLY B 333 -2.19 -12.97 6.58
CA GLY B 333 -1.94 -13.01 6.58
C GLY B 333 -3.52 -13.55 6.10
C GLY B 333 -0.62 -12.48 6.03
P CMP C . 10.95 16.70 -4.98
O1P CMP C . 9.87 15.67 -4.84
O2P CMP C . 10.61 18.14 -4.72
O5' CMP C . 12.22 16.27 -4.09
C5' CMP C . 13.28 15.49 -4.63
C4' CMP C . 13.42 15.73 -6.09
O4' CMP C . 14.28 14.77 -6.72
C3' CMP C . 12.15 15.59 -6.85
O3' CMP C . 11.28 16.66 -6.57
C2' CMP C . 12.63 15.48 -8.28
O2' CMP C . 12.91 16.76 -8.82
C1' CMP C . 13.95 14.73 -8.09
N9 CMP C . 13.85 13.32 -8.50
C8 CMP C . 13.16 12.36 -7.85
N7 CMP C . 13.28 11.18 -8.49
C5 CMP C . 14.08 11.37 -9.55
C6 CMP C . 14.62 10.53 -10.65
N6 CMP C . 14.32 9.20 -10.72
N1 CMP C . 15.42 11.12 -11.56
C2 CMP C . 15.72 12.42 -11.49
N3 CMP C . 15.27 13.24 -10.53
C4 CMP C . 14.46 12.78 -9.55
N1A ACO D . 3.49 -23.26 -29.77
C2A ACO D . 2.16 -23.13 -29.60
N3A ACO D . 1.64 -22.65 -28.46
C4A ACO D . 2.46 -22.30 -27.45
C5A ACO D . 3.85 -22.42 -27.60
C6A ACO D . 4.34 -22.93 -28.79
N6A ACO D . 5.78 -23.06 -28.95
N7A ACO D . 4.42 -22.00 -26.45
C8A ACO D . 3.47 -21.62 -25.59
N9A ACO D . 2.29 -21.81 -26.21
C1B ACO D . 0.91 -21.49 -25.62
C2B ACO D . 0.78 -21.65 -24.15
O2B ACO D . 0.48 -22.94 -23.81
C3B ACO D . -0.30 -20.73 -23.82
O3B ACO D . -1.49 -21.30 -24.14
P3B ACO D . -2.43 -21.67 -22.98
O7A ACO D . -3.85 -21.59 -23.47
O8A ACO D . -2.08 -23.06 -22.50
O9A ACO D . -2.26 -20.67 -21.84
C4B ACO D . -0.11 -19.59 -24.74
O4B ACO D . 0.49 -20.19 -25.94
C5B ACO D . 0.72 -18.58 -24.15
O5B ACO D . 2.10 -18.78 -24.06
P1A ACO D . 2.97 -18.21 -22.87
O1A ACO D . 2.37 -16.94 -22.29
O2A ACO D . 3.06 -19.25 -21.78
O3A ACO D . 4.42 -17.97 -23.42
P2A ACO D . 5.07 -16.58 -23.70
O4A ACO D . 5.38 -15.88 -22.41
O5A ACO D . 6.34 -16.84 -24.46
O6A ACO D . 4.16 -15.66 -24.58
CBP ACO D . 4.95 -14.51 -26.68
CCP ACO D . 4.31 -15.70 -25.96
CDP ACO D . 5.19 -13.38 -25.70
CEP ACO D . 4.00 -14.06 -27.77
CAP ACO D . 6.24 -15.01 -27.38
OAP ACO D . 6.92 -16.01 -26.72
C9P ACO D . 7.23 -13.93 -27.75
O9P ACO D . 7.43 -12.95 -27.06
N8P ACO D . 7.97 -14.09 -28.98
C7P ACO D . 8.90 -13.05 -29.34
C6P ACO D . 8.26 -11.70 -29.62
C5P ACO D . 6.78 -11.68 -30.00
O5P ACO D . 6.34 -12.44 -30.85
N4P ACO D . 5.87 -10.73 -29.34
C3P ACO D . 4.48 -10.71 -29.73
C2P ACO D . 4.19 -10.17 -31.10
S1P ACO D . 2.56 -9.59 -31.43
C ACO D . 2.03 -8.53 -30.11
O ACO D . 2.77 -8.32 -29.16
CH3 ACO D . 0.63 -8.02 -30.08
C1 PEG E . 10.88 17.91 -19.10
O1 PEG E . 11.24 17.41 -20.34
C2 PEG E . 11.79 17.60 -17.95
O2 PEG E . 11.58 18.23 -16.75
C3 PEG E . 10.38 18.09 -16.09
C4 PEG E . 10.40 17.65 -14.66
O4 PEG E . 9.35 16.89 -14.16
P CMP F . -4.27 -21.82 18.93
O1P CMP F . -3.31 -20.67 18.76
O2P CMP F . -4.26 -22.93 17.92
O5' CMP F . -4.18 -22.40 20.42
C5' CMP F . -4.78 -21.72 21.52
C4' CMP F . -6.08 -21.13 21.09
O4' CMP F . -6.59 -20.19 22.05
C3' CMP F . -5.99 -20.30 19.85
O3' CMP F . -5.72 -21.10 18.72
C2' CMP F . -7.33 -19.60 19.86
O2' CMP F . -8.36 -20.46 19.42
C1' CMP F . -7.52 -19.35 21.38
N9 CMP F . -7.25 -17.95 21.75
C8 CMP F . -6.05 -17.34 21.68
N7 CMP F . -6.13 -16.06 22.13
C5 CMP F . -7.40 -15.84 22.50
C6 CMP F . -8.16 -14.70 23.07
N6 CMP F . -7.52 -13.52 23.31
N1 CMP F . -9.48 -14.88 23.33
C2 CMP F . -10.09 -16.06 23.08
N3 CMP F . -9.46 -17.14 22.56
C4 CMP F . -8.14 -17.10 22.26
N1A ACO G . -4.95 25.25 22.75
C2A ACO G . -4.18 25.48 21.68
N3A ACO G . -3.10 24.72 21.42
C4A ACO G . -2.76 23.72 22.25
C5A ACO G . -3.54 23.47 23.38
C6A ACO G . -4.65 24.26 23.61
N6A ACO G . -5.47 24.02 24.78
N7A ACO G . -2.99 22.42 24.03
C8A ACO G . -1.89 22.02 23.36
N9A ACO G . -1.76 22.82 22.28
C1B ACO G . -0.69 22.76 21.17
C2B ACO G . 0.63 22.12 21.48
O2B ACO G . 1.59 23.06 21.66
C3B ACO G . 0.91 21.28 20.31
O3B ACO G . 1.54 21.99 19.34
P3B ACO G . 3.07 21.93 19.18
O7A ACO G . 3.57 20.50 19.26
O8A ACO G . 3.44 22.50 17.83
O9A ACO G . 3.70 22.76 20.28
C4B ACO G . -0.43 20.92 19.80
O4B ACO G . -1.18 22.15 20.01
C5B ACO G . -1.00 19.86 20.54
O5B ACO G . -0.16 19.16 21.41
P1A ACO G . -0.55 17.76 22.01
O1A ACO G . 0.15 16.67 21.24
O2A ACO G . -0.11 17.76 23.47
O3A ACO G . -2.10 17.54 21.97
P2A ACO G . -2.77 16.32 22.68
O4A ACO G . -2.51 15.07 21.88
O5A ACO G . -2.26 16.15 24.08
O6A ACO G . -4.30 16.56 22.66
CBP ACO G . -6.37 16.80 21.46
CCP ACO G . -4.85 16.81 21.44
CDP ACO G . -6.92 17.37 20.16
CEP ACO G . -6.82 17.58 22.70
CAP ACO G . -6.79 15.35 21.59
OAP ACO G . -6.86 14.77 20.33
C9P ACO G . -8.17 15.23 22.22
O9P ACO G . -8.51 14.24 22.83
N8P ACO G . -9.08 16.32 22.09
C7P ACO G . -10.40 16.17 22.64
C6P ACO G . -11.27 15.60 21.54
C5P ACO G . -10.81 15.82 20.09
O5P ACO G . -10.99 16.89 19.53
N4P ACO G . -10.13 14.78 19.32
C3P ACO G . -9.76 15.12 17.95
C2P ACO G . -10.89 15.23 16.97
S1P ACO G . -10.54 15.53 15.26
C ACO G . -9.60 14.19 14.64
O ACO G . -9.46 13.18 15.31
CH3 ACO G . -8.75 14.37 13.42
C1 PEG H . -25.57 -32.40 8.46
O1 PEG H . -24.54 -32.78 7.64
C2 PEG H . -26.88 -32.09 7.81
O2 PEG H . -27.97 -31.80 8.60
C3 PEG H . -29.11 -31.24 8.03
C4 PEG H . -29.60 -29.97 8.63
O4 PEG H . -30.82 -29.93 9.28
C1 PEG I . -18.68 11.57 29.70
O1 PEG I . -19.40 12.62 30.27
C2 PEG I . -18.82 10.18 30.25
O2 PEG I . -17.69 9.41 30.45
C3 PEG I . -17.01 9.48 31.66
C4 PEG I . -15.91 8.52 31.95
O4 PEG I . -16.11 7.57 32.95
C1 EDO J . -0.87 15.30 -1.02
O1 EDO J . -2.16 14.91 -0.53
C2 EDO J . -0.22 16.34 -0.12
O2 EDO J . 0.46 15.72 0.99
#